data_4M8O
#
_entry.id   4M8O
#
_cell.length_a   148.495
_cell.length_b   68.919
_cell.length_c   149.852
_cell.angle_alpha   90.00
_cell.angle_beta   109.50
_cell.angle_gamma   90.00
#
_symmetry.space_group_name_H-M   'C 1 2 1'
#
loop_
_entity.id
_entity.type
_entity.pdbx_description
1 polymer 'DNA polymerase epsilon catalytic subunit A'
2 polymer 'PRIMER DNA'
3 polymer 'TEMPLATE DNA'
4 non-polymer "2'-DEOXYADENOSINE 5'-TRIPHOSPHATE"
5 non-polymer 'MAGNESIUM ION'
6 non-polymer 'ZINC ION'
7 non-polymer '2-AMINOETHANESULFONIC ACID'
8 non-polymer 'CHLORIDE ION'
9 water water
#
loop_
_entity_poly.entity_id
_entity_poly.type
_entity_poly.pdbx_seq_one_letter_code
_entity_poly.pdbx_strand_id
1 'polypeptide(L)'
;MMFGKKKNNGGSSTARYSAGNKYNTLSNNYALSAQQLLNASKIDDIDSMMGFERYVPPQYNGRFDAKDIDQIPGRVGWLT
NMHATLVSQETLSSGSNGGGNSNDGERVTTNQGISGVDFYFLDEEGGSFKSTVVYDPYFFIACNDESRVNDVEELVKKYL
ESCLKSLQIIRKEDLTMDNHLLGLQKTLIKLSFVNSNQLFEARKLLRPILQDNANNNVQRNIYNVAANGSEKVDAKHLIE
DIREYDVPYHVRVSIDKDIRVGKWYKVTQQGFIEDTRKIAFADPVVMAFAIATTKPPLKFPDSAVDQIMMISYMIDGEGF
LITNREIISEDIEDFEYTPKPEYPGFFTIFNENDEVALLQRFFEHIRDVRPTVISTFNGDFFDWPFIHNRSKIHGLDMFD
EIGFAPDAEGEYKSSYCSHMDCFRWVKRDSYLPQGSQGLKAVTQSKLGYNPIELDPELMTPYAFEKPQHLSEYSVSDAVA
TYYLYMKYVHPFIFSLCTIIPLNPDETLRKGTGTLCEMLLMVQAYQHNILLPNKHTDPIERFYDGHLLESETYVGGHVES
LEAGVFRSDLKNEFKIDPSAIDELLQELPEALKFSVEVENKSSVDKVTNFEEIKNQITQKLLELKENNIRNELPLIYHVD
VASMYPNIMTTNRLQPDSIKAERDCASCDFNRPGKTCARKLKWAWRGEFFPSKMDEYNMIKRALQNETFPNKNKFSKKKV
LTFDELSYADQVIHIKKRLTEYSRKVYHRVKVSEIVEREAIVCQRENPFYVDTVKSFRDRRYEFKGLAKTWKGNLSKIDP
SDKHARDEAKKMIVLYDSLQLAHKVILNSFYGYVMRKGSRWYSMEMAGITCLTGATIIQMARALVERVGRPLELDTDGIW
CILPKSFPETYFFTLENGKKLYLSYPCSMLNYRVHQKFTNHQYQELKDPLNYIYETHSENTIFFEVDGPYKAMILPSSKE
EGKGIKKRYAVFNEDGSLAELKGFELKRRGELQLIKNFQSDIFKVFLEGDTLEGCYSAVASVCNRWLDVLDSHGLMLEDE
DLVSLICENRSMSKTLKEYEGQKSTSITTARRLGDFLGEDMVKDKGLQCKYIISSKPFNAPVTERAIPVAIFSADIPIKR
SFLRRWTLDPSLEDLDIRTIIDWGYYRERLGSAIQKIITIPAALQGVSNPVPRVEHPDWLKRKIATKEDKFKQTSLTKFF
SKTKNVPTMGKIKDIEDLFEPTVEEDNA
;
A
2 'polydeoxyribonucleotide' (5IU)(DA)(DA)(C38)(C38)(DG)(C38)(DG)(5IU)(5IU)(DOC) P
3 'polydeoxyribonucleotide' (C38)(5IU)(C38)(5IU)(DT)(DG)(DA)(DA)(C38)(DG)(C38)(DG)(DG)(5IU)(5IU)(DA) T
#
# COMPACT_ATOMS: atom_id res chain seq x y z
N ALA A 31 19.36 36.97 -3.96
CA ALA A 31 18.53 37.49 -2.82
C ALA A 31 18.14 36.36 -1.84
N LEU A 32 17.36 35.39 -2.32
CA LEU A 32 16.98 34.15 -1.57
C LEU A 32 18.08 33.07 -1.73
N SER A 33 18.77 33.14 -2.87
CA SER A 33 20.05 32.50 -3.09
C SER A 33 20.94 32.60 -1.84
N ALA A 34 21.23 33.83 -1.40
CA ALA A 34 22.18 34.03 -0.29
C ALA A 34 21.73 33.46 1.08
N GLN A 35 20.42 33.32 1.29
CA GLN A 35 19.86 32.70 2.50
C GLN A 35 19.93 31.16 2.45
N GLN A 36 19.63 30.58 1.28
CA GLN A 36 19.83 29.14 1.10
C GLN A 36 21.30 28.76 1.27
N LEU A 37 22.21 29.67 0.92
CA LEU A 37 23.64 29.42 1.14
C LEU A 37 23.99 29.43 2.64
N LEU A 38 23.26 30.20 3.42
CA LEU A 38 23.47 30.23 4.86
C LEU A 38 22.99 28.92 5.48
N ASN A 39 21.84 28.42 5.04
CA ASN A 39 21.35 27.15 5.55
C ASN A 39 22.29 25.99 5.22
N ALA A 40 22.83 25.98 4.01
CA ALA A 40 23.82 25.00 3.57
C ALA A 40 25.06 24.95 4.45
N SER A 41 25.50 26.15 4.81
CA SER A 41 26.71 26.33 5.56
C SER A 41 26.46 25.86 7.02
N LYS A 42 25.26 26.13 7.54
CA LYS A 42 24.83 25.51 8.80
C LYS A 42 24.77 23.98 8.73
N ILE A 43 24.25 23.45 7.62
CA ILE A 43 24.23 21.99 7.43
C ILE A 43 25.63 21.42 7.32
N ASP A 44 26.53 22.13 6.65
CA ASP A 44 27.95 21.72 6.61
C ASP A 44 28.57 21.59 8.00
N ASP A 45 28.23 22.51 8.88
CA ASP A 45 28.77 22.44 10.27
C ASP A 45 28.23 21.26 11.07
N ILE A 46 26.91 21.04 10.97
CA ILE A 46 26.30 19.82 11.56
C ILE A 46 27.02 18.54 11.02
N ASP A 47 27.18 18.48 9.72
CA ASP A 47 27.78 17.34 9.08
C ASP A 47 29.20 17.11 9.53
N SER A 48 30.04 18.14 9.65
CA SER A 48 31.45 17.90 10.11
C SER A 48 31.44 17.48 11.55
N MET A 49 30.59 18.08 12.36
CA MET A 49 30.47 17.58 13.76
C MET A 49 30.10 16.07 13.86
N MET A 50 29.28 15.61 12.92
CA MET A 50 28.87 14.20 12.93
C MET A 50 29.70 13.29 12.05
N GLY A 51 30.83 13.81 11.54
CA GLY A 51 31.80 12.93 10.85
C GLY A 51 31.71 12.93 9.35
N PHE A 52 31.02 13.90 8.78
CA PHE A 52 30.92 14.04 7.33
C PHE A 52 31.54 15.31 6.81
N GLU A 53 32.85 15.37 6.73
CA GLU A 53 33.55 16.48 6.07
C GLU A 53 33.45 16.29 4.59
N ARG A 54 33.44 17.41 3.86
CA ARG A 54 33.43 17.42 2.43
C ARG A 54 34.79 16.96 1.91
N TYR A 55 34.80 15.86 1.18
CA TYR A 55 35.98 15.33 0.48
C TYR A 55 35.96 15.81 -1.00
N VAL A 56 37.10 16.34 -1.44
CA VAL A 56 37.34 16.77 -2.83
C VAL A 56 38.48 15.92 -3.35
N PRO A 57 38.21 15.04 -4.35
CA PRO A 57 39.27 14.08 -4.75
C PRO A 57 40.42 14.76 -5.47
N PRO A 58 41.55 14.08 -5.63
CA PRO A 58 42.66 14.78 -6.25
C PRO A 58 42.44 14.99 -7.74
N GLN A 59 43.03 16.06 -8.27
CA GLN A 59 43.12 16.28 -9.72
C GLN A 59 43.70 15.07 -10.38
N TYR A 60 43.15 14.73 -11.54
CA TYR A 60 43.66 13.63 -12.34
C TYR A 60 43.36 13.85 -13.81
N ASN A 61 44.37 14.32 -14.54
CA ASN A 61 44.22 14.66 -15.95
C ASN A 61 44.01 13.47 -16.89
N GLY A 62 44.27 12.26 -16.41
CA GLY A 62 44.21 11.07 -17.21
C GLY A 62 42.86 10.68 -17.73
N ARG A 63 42.73 9.43 -18.17
CA ARG A 63 41.52 8.92 -18.78
C ARG A 63 40.56 8.41 -17.76
N PHE A 64 39.44 9.12 -17.64
CA PHE A 64 38.30 8.69 -16.84
C PHE A 64 38.05 7.36 -17.54
N ASP A 65 38.40 6.29 -16.86
CA ASP A 65 38.22 4.92 -17.32
C ASP A 65 37.60 4.19 -16.14
N ALA A 66 36.66 3.29 -16.42
CA ALA A 66 36.00 2.58 -15.32
C ALA A 66 36.63 1.25 -14.99
N LYS A 67 37.49 0.72 -15.86
CA LYS A 67 38.00 -0.63 -15.70
C LYS A 67 39.24 -0.77 -14.81
N ASP A 68 40.11 0.25 -14.79
CA ASP A 68 41.33 0.24 -13.96
C ASP A 68 41.11 1.05 -12.69
N ILE A 69 39.87 1.00 -12.19
CA ILE A 69 39.39 1.86 -11.12
C ILE A 69 40.44 1.97 -10.00
N ASP A 70 41.15 0.89 -9.73
CA ASP A 70 42.05 0.88 -8.56
C ASP A 70 43.27 1.76 -8.70
N GLN A 71 43.60 2.18 -9.92
CA GLN A 71 44.72 3.13 -10.13
C GLN A 71 44.31 4.57 -9.82
N ILE A 72 43.13 4.94 -10.29
CA ILE A 72 42.67 6.32 -10.31
C ILE A 72 42.61 6.94 -8.92
N PRO A 73 43.06 8.21 -8.78
CA PRO A 73 43.00 8.84 -7.48
C PRO A 73 41.57 9.19 -7.05
N GLY A 74 41.26 8.90 -5.81
CA GLY A 74 39.96 9.19 -5.23
C GLY A 74 39.72 8.30 -4.03
N ARG A 75 38.45 8.21 -3.60
CA ARG A 75 38.08 7.48 -2.37
C ARG A 75 36.83 6.65 -2.57
N VAL A 76 36.91 5.39 -2.15
CA VAL A 76 35.85 4.43 -2.21
C VAL A 76 34.89 4.54 -1.00
N GLY A 77 33.59 4.47 -1.26
CA GLY A 77 32.56 4.65 -0.24
C GLY A 77 31.27 3.93 -0.57
N TRP A 78 30.52 3.54 0.46
CA TRP A 78 29.20 2.96 0.34
C TRP A 78 28.26 4.14 0.48
N LEU A 79 27.44 4.37 -0.49
CA LEU A 79 26.65 5.55 -0.49
C LEU A 79 25.42 5.31 0.39
N THR A 80 25.17 6.20 1.33
CA THR A 80 24.13 5.95 2.29
C THR A 80 23.04 7.03 2.36
N ASN A 81 23.23 8.19 1.73
CA ASN A 81 22.23 9.23 1.77
C ASN A 81 22.59 10.26 0.71
N MET A 82 21.66 11.14 0.36
CA MET A 82 21.92 12.22 -0.58
C MET A 82 20.87 13.33 -0.38
N HIS A 83 21.24 14.60 -0.57
CA HIS A 83 20.27 15.74 -0.46
C HIS A 83 20.65 16.86 -1.45
N ALA A 84 19.70 17.54 -2.04
CA ALA A 84 19.94 18.78 -2.77
C ALA A 84 20.55 19.79 -1.89
N THR A 85 21.40 20.62 -2.46
CA THR A 85 22.01 21.69 -1.70
C THR A 85 22.42 22.80 -2.65
N LEU A 86 22.93 23.88 -2.07
CA LEU A 86 23.40 25.00 -2.86
C LEU A 86 24.82 25.33 -2.38
N VAL A 87 25.71 25.53 -3.33
CA VAL A 87 27.11 25.63 -3.04
C VAL A 87 27.64 26.87 -3.75
N SER A 88 28.60 27.58 -3.15
CA SER A 88 29.25 28.74 -3.78
C SER A 88 30.38 28.33 -4.68
N GLN A 89 30.72 29.21 -5.62
CA GLN A 89 31.95 29.11 -6.43
C GLN A 89 33.19 28.73 -5.61
N GLU A 90 33.42 29.41 -4.49
CA GLU A 90 34.37 28.99 -3.43
C GLU A 90 34.71 30.19 -2.51
N VAL A 108 31.42 30.78 -15.08
CA VAL A 108 31.65 32.22 -15.16
C VAL A 108 30.42 33.01 -14.73
N THR A 109 30.00 32.78 -13.49
CA THR A 109 28.74 33.29 -12.93
C THR A 109 29.14 34.50 -12.03
N THR A 110 28.14 34.86 -11.17
CA THR A 110 27.98 36.10 -10.39
C THR A 110 27.94 35.73 -8.86
N ASN A 111 27.37 36.58 -8.01
CA ASN A 111 27.34 36.32 -6.57
C ASN A 111 26.03 35.59 -6.25
N GLN A 112 25.91 34.37 -6.75
CA GLN A 112 24.72 33.57 -6.56
C GLN A 112 25.17 32.12 -6.50
N GLY A 113 24.45 31.29 -5.78
CA GLY A 113 24.85 29.90 -5.57
C GLY A 113 24.53 28.93 -6.72
N ILE A 114 25.21 27.79 -6.67
CA ILE A 114 25.19 26.74 -7.68
C ILE A 114 24.48 25.51 -7.10
N SER A 115 23.48 24.98 -7.82
CA SER A 115 22.78 23.78 -7.36
C SER A 115 23.67 22.54 -7.52
N GLY A 116 23.58 21.65 -6.55
CA GLY A 116 24.24 20.35 -6.65
C GLY A 116 23.63 19.45 -5.58
N VAL A 117 24.23 18.27 -5.40
CA VAL A 117 23.76 17.27 -4.43
C VAL A 117 24.90 16.80 -3.58
N ASP A 118 24.66 16.74 -2.29
CA ASP A 118 25.63 16.15 -1.36
C ASP A 118 25.31 14.65 -1.27
N PHE A 119 26.33 13.83 -1.45
CA PHE A 119 26.23 12.42 -1.28
C PHE A 119 27.05 11.98 -0.06
N TYR A 120 26.44 11.17 0.83
CA TYR A 120 27.02 10.72 2.11
C TYR A 120 27.52 9.28 2.06
N PHE A 121 28.78 9.05 2.38
CA PHE A 121 29.44 7.76 2.23
C PHE A 121 29.98 7.24 3.52
N LEU A 122 29.96 5.93 3.65
CA LEU A 122 30.72 5.25 4.70
C LEU A 122 31.95 4.61 4.02
N ASP A 123 33.15 4.83 4.57
CA ASP A 123 34.33 4.27 3.93
C ASP A 123 34.62 2.84 4.36
N GLU A 124 35.62 2.26 3.71
CA GLU A 124 36.08 0.91 3.97
C GLU A 124 36.84 0.79 5.29
N GLU A 125 37.21 1.92 5.89
CA GLU A 125 38.04 1.91 7.10
C GLU A 125 37.28 2.24 8.40
N GLY A 126 35.94 2.17 8.41
CA GLY A 126 35.16 2.59 9.60
C GLY A 126 34.86 4.10 9.77
N GLY A 127 35.21 4.90 8.78
CA GLY A 127 34.99 6.34 8.82
C GLY A 127 33.91 6.72 7.80
N SER A 128 33.72 8.01 7.59
CA SER A 128 32.67 8.50 6.77
C SER A 128 33.07 9.83 6.13
N PHE A 129 32.44 10.17 5.02
CA PHE A 129 32.63 11.47 4.38
C PHE A 129 31.51 11.84 3.41
N LYS A 130 31.46 13.08 3.00
CA LYS A 130 30.55 13.46 1.97
C LYS A 130 31.24 14.11 0.82
N SER A 131 30.64 14.01 -0.33
CA SER A 131 31.21 14.64 -1.47
C SER A 131 30.05 15.14 -2.34
N THR A 132 30.33 16.13 -3.18
CA THR A 132 29.29 16.94 -3.85
C THR A 132 29.42 16.92 -5.36
N VAL A 133 28.30 16.78 -6.04
CA VAL A 133 28.23 16.82 -7.50
C VAL A 133 27.43 18.06 -7.83
N VAL A 134 27.92 18.84 -8.76
CA VAL A 134 27.14 19.92 -9.30
C VAL A 134 26.60 19.58 -10.68
N TYR A 135 25.42 20.09 -10.98
CA TYR A 135 24.68 19.80 -12.20
C TYR A 135 23.71 20.94 -12.41
N ASP A 136 23.64 21.43 -13.64
CA ASP A 136 22.64 22.41 -14.07
C ASP A 136 21.23 21.80 -14.20
N PRO A 137 20.27 22.31 -13.45
CA PRO A 137 18.89 21.99 -13.67
C PRO A 137 18.44 22.53 -15.01
N TYR A 138 17.50 21.79 -15.58
CA TYR A 138 17.02 22.07 -16.90
C TYR A 138 15.58 21.63 -17.12
N PHE A 139 14.95 22.23 -18.11
CA PHE A 139 13.66 21.77 -18.66
C PHE A 139 13.56 22.14 -20.14
N PHE A 140 12.53 21.63 -20.85
CA PHE A 140 12.44 21.76 -22.27
C PHE A 140 11.23 22.64 -22.65
N ILE A 141 11.37 23.32 -23.79
CA ILE A 141 10.24 23.96 -24.49
C ILE A 141 9.96 23.19 -25.73
N ALA A 142 8.69 22.85 -25.95
CA ALA A 142 8.31 22.22 -27.18
C ALA A 142 7.64 23.25 -28.12
N CYS A 143 7.85 23.08 -29.44
CA CYS A 143 7.26 23.94 -30.48
C CYS A 143 6.23 23.26 -31.35
N ASN A 144 5.24 24.03 -31.79
CA ASN A 144 4.27 23.49 -32.76
C ASN A 144 4.67 23.67 -34.25
N ASP A 145 5.71 24.47 -34.52
CA ASP A 145 6.30 24.54 -35.87
C ASP A 145 7.81 24.35 -35.89
N GLU A 146 8.27 23.17 -36.28
CA GLU A 146 9.73 22.91 -36.28
C GLU A 146 10.49 23.92 -37.13
N SER A 147 9.94 24.29 -38.28
CA SER A 147 10.69 25.10 -39.26
C SER A 147 11.20 26.39 -38.64
N ARG A 148 10.46 26.87 -37.64
CA ARG A 148 10.81 28.12 -36.97
C ARG A 148 11.29 27.94 -35.53
N VAL A 149 11.86 26.79 -35.22
CA VAL A 149 12.51 26.61 -33.94
C VAL A 149 13.53 27.72 -33.66
N ASN A 150 14.24 28.19 -34.67
CA ASN A 150 15.24 29.23 -34.46
C ASN A 150 14.61 30.54 -33.96
N ASP A 151 13.41 30.87 -34.40
CA ASP A 151 12.72 32.08 -33.87
C ASP A 151 12.30 31.91 -32.37
N VAL A 152 11.88 30.70 -31.97
CA VAL A 152 11.54 30.53 -30.56
C VAL A 152 12.76 30.75 -29.69
N GLU A 153 13.86 30.13 -30.12
CA GLU A 153 15.13 30.21 -29.46
C GLU A 153 15.55 31.66 -29.23
N GLU A 154 15.49 32.47 -30.29
CA GLU A 154 15.90 33.88 -30.24
C GLU A 154 14.98 34.65 -29.31
N LEU A 155 13.69 34.39 -29.42
CA LEU A 155 12.77 35.03 -28.51
C LEU A 155 13.14 34.75 -27.03
N VAL A 156 13.38 33.49 -26.66
CA VAL A 156 13.48 33.17 -25.21
C VAL A 156 14.81 33.54 -24.61
N LYS A 157 15.88 33.39 -25.39
CA LYS A 157 17.20 33.88 -24.99
C LYS A 157 17.08 35.28 -24.35
N LYS A 158 16.31 36.13 -25.03
CA LYS A 158 15.99 37.49 -24.59
C LYS A 158 14.91 37.56 -23.55
N TYR A 159 13.75 36.98 -23.80
CA TYR A 159 12.68 37.02 -22.75
C TYR A 159 13.16 36.52 -21.37
N LEU A 160 14.05 35.51 -21.35
CA LEU A 160 14.53 34.87 -20.10
C LEU A 160 15.96 35.25 -19.76
N GLU A 161 16.43 36.36 -20.31
CA GLU A 161 17.81 36.81 -20.11
C GLU A 161 18.19 36.89 -18.64
N SER A 162 17.26 37.27 -17.78
CA SER A 162 17.56 37.46 -16.34
C SER A 162 17.74 36.18 -15.51
N CYS A 163 17.38 35.02 -16.05
CA CYS A 163 17.43 33.80 -15.29
C CYS A 163 18.20 32.60 -15.94
N LEU A 164 18.37 32.67 -17.24
CA LEU A 164 18.72 31.58 -18.07
C LEU A 164 20.26 31.46 -18.09
N LYS A 165 20.79 30.24 -18.02
CA LYS A 165 22.22 30.00 -18.14
C LYS A 165 22.64 29.61 -19.54
N SER A 166 21.84 28.80 -20.23
CA SER A 166 22.15 28.44 -21.62
C SER A 166 21.01 27.71 -22.29
N LEU A 167 21.18 27.46 -23.55
CA LEU A 167 20.13 26.81 -24.27
C LEU A 167 20.70 26.07 -25.44
N GLN A 168 19.97 25.06 -25.89
CA GLN A 168 20.49 24.18 -26.89
C GLN A 168 19.35 23.36 -27.44
N ILE A 169 19.47 23.00 -28.70
CA ILE A 169 18.46 22.25 -29.39
C ILE A 169 18.79 20.79 -29.24
N ILE A 170 17.82 20.00 -28.81
CA ILE A 170 18.02 18.58 -28.64
C ILE A 170 16.79 17.82 -29.16
N ARG A 171 16.97 16.51 -29.28
CA ARG A 171 15.97 15.62 -29.81
C ARG A 171 15.75 14.46 -28.85
N LYS A 172 14.48 14.15 -28.62
CA LYS A 172 14.09 12.96 -27.85
C LYS A 172 13.02 12.17 -28.61
N GLU A 173 12.78 10.92 -28.22
CA GLU A 173 11.69 10.12 -28.83
C GLU A 173 10.42 10.60 -28.13
N ASP A 174 9.37 10.82 -28.92
CA ASP A 174 8.03 11.21 -28.45
C ASP A 174 7.05 10.12 -28.89
N LEU A 175 6.44 9.43 -27.93
CA LEU A 175 5.61 8.30 -28.29
C LEU A 175 4.17 8.67 -28.77
N THR A 176 3.79 9.95 -28.70
CA THR A 176 2.55 10.43 -29.35
C THR A 176 2.70 10.84 -30.81
N MET A 177 3.93 10.83 -31.32
CA MET A 177 4.28 11.43 -32.63
C MET A 177 4.30 10.38 -33.73
N ASP A 178 3.70 10.71 -34.88
CA ASP A 178 3.74 9.87 -36.08
C ASP A 178 5.15 9.59 -36.56
N ASN A 179 5.36 8.33 -36.93
CA ASN A 179 6.65 7.78 -37.39
C ASN A 179 7.81 7.81 -36.35
N HIS A 180 7.45 7.90 -35.06
CA HIS A 180 8.50 7.78 -34.06
C HIS A 180 9.15 6.37 -34.13
N LEU A 181 8.40 5.38 -34.59
CA LEU A 181 8.89 3.97 -34.78
C LEU A 181 9.84 3.76 -35.96
N LEU A 182 9.92 4.75 -36.87
CA LEU A 182 10.88 4.73 -37.99
C LEU A 182 12.07 5.62 -37.70
N GLY A 183 12.17 6.08 -36.43
CA GLY A 183 13.29 6.85 -35.94
C GLY A 183 13.14 8.37 -35.95
N LEU A 184 12.01 8.87 -36.45
CA LEU A 184 11.69 10.30 -36.36
C LEU A 184 11.62 10.80 -34.90
N GLN A 185 12.34 11.86 -34.60
CA GLN A 185 12.42 12.39 -33.23
C GLN A 185 11.74 13.77 -33.08
N LYS A 186 11.42 14.14 -31.83
CA LYS A 186 10.91 15.48 -31.56
C LYS A 186 12.04 16.44 -31.23
N THR A 187 12.01 17.65 -31.81
CA THR A 187 13.06 18.63 -31.60
C THR A 187 12.68 19.51 -30.47
N LEU A 188 13.56 19.73 -29.51
CA LEU A 188 13.18 20.50 -28.32
C LEU A 188 14.25 21.54 -28.04
N ILE A 189 13.83 22.59 -27.33
CA ILE A 189 14.77 23.51 -26.74
C ILE A 189 15.02 23.18 -25.28
N LYS A 190 16.23 22.75 -24.96
CA LYS A 190 16.66 22.55 -23.58
C LYS A 190 17.18 23.83 -22.93
N LEU A 191 16.60 24.17 -21.77
CA LEU A 191 16.93 25.38 -21.07
C LEU A 191 17.62 24.99 -19.80
N SER A 192 18.85 25.47 -19.62
CA SER A 192 19.63 25.17 -18.42
C SER A 192 19.79 26.41 -17.56
N PHE A 193 20.02 26.13 -16.30
CA PHE A 193 20.01 27.12 -15.25
C PHE A 193 21.10 26.84 -14.27
N VAL A 194 21.50 27.88 -13.55
CA VAL A 194 22.58 27.82 -12.59
C VAL A 194 22.11 27.14 -11.36
N ASN A 195 20.85 27.38 -11.03
CA ASN A 195 20.24 26.76 -9.90
C ASN A 195 18.71 26.69 -10.00
N SER A 196 18.14 26.05 -9.00
CA SER A 196 16.72 25.75 -8.95
C SER A 196 15.84 27.00 -8.86
N ASN A 197 16.29 28.01 -8.12
CA ASN A 197 15.58 29.30 -8.05
C ASN A 197 15.46 29.93 -9.41
N GLN A 198 16.51 29.90 -10.20
CA GLN A 198 16.44 30.49 -11.53
C GLN A 198 15.50 29.68 -12.42
N LEU A 199 15.52 28.34 -12.27
CA LEU A 199 14.61 27.48 -13.03
C LEU A 199 13.15 27.93 -12.80
N PHE A 200 12.81 28.20 -11.53
CA PHE A 200 11.46 28.53 -11.11
C PHE A 200 11.04 29.90 -11.65
N GLU A 201 11.97 30.84 -11.79
CA GLU A 201 11.71 32.13 -12.44
C GLU A 201 11.45 31.92 -13.90
N ALA A 202 12.12 30.97 -14.51
CA ALA A 202 11.83 30.74 -15.90
C ALA A 202 10.42 30.25 -15.99
N ARG A 203 9.99 29.39 -15.07
CA ARG A 203 8.63 28.85 -15.19
C ARG A 203 7.54 29.94 -15.01
N LYS A 204 7.78 30.86 -14.09
CA LYS A 204 6.88 32.00 -13.83
C LYS A 204 6.77 32.97 -15.01
N LEU A 205 7.86 33.18 -15.73
CA LEU A 205 7.82 33.96 -16.96
C LEU A 205 7.11 33.25 -18.10
N LEU A 206 7.24 31.91 -18.16
CA LEU A 206 6.68 31.18 -19.29
C LEU A 206 5.25 30.76 -19.11
N ARG A 207 4.82 30.49 -17.87
CA ARG A 207 3.46 30.03 -17.66
C ARG A 207 2.41 31.00 -18.21
N PRO A 208 2.60 32.32 -18.04
CA PRO A 208 1.63 33.28 -18.59
C PRO A 208 1.56 33.25 -20.11
N ILE A 209 2.69 33.07 -20.77
CA ILE A 209 2.63 32.97 -22.21
C ILE A 209 1.70 31.81 -22.63
N LEU A 210 1.87 30.67 -21.97
CA LEU A 210 1.14 29.45 -22.31
C LEU A 210 -0.33 29.60 -21.95
N GLN A 211 -0.61 30.26 -20.83
CA GLN A 211 -1.96 30.72 -20.47
C GLN A 211 -2.58 31.59 -21.58
N ASP A 212 -1.99 32.74 -21.86
CA ASP A 212 -2.41 33.67 -22.93
C ASP A 212 -2.65 32.92 -24.25
N ASN A 213 -1.72 32.04 -24.65
CA ASN A 213 -1.88 31.28 -25.92
C ASN A 213 -3.16 30.41 -25.97
N ALA A 214 -3.51 29.78 -24.86
CA ALA A 214 -4.67 28.88 -24.86
C ALA A 214 -5.99 29.64 -24.56
N ASN A 215 -5.87 30.86 -24.02
CA ASN A 215 -6.97 31.61 -23.41
C ASN A 215 -7.63 32.68 -24.27
N ASN A 216 -6.84 33.46 -25.02
CA ASN A 216 -7.41 34.60 -25.73
C ASN A 216 -7.01 34.75 -27.20
N ASN A 217 -8.06 34.96 -27.98
CA ASN A 217 -7.97 35.36 -29.36
C ASN A 217 -7.74 36.88 -29.52
N VAL A 218 -6.57 37.19 -30.06
CA VAL A 218 -6.25 38.60 -30.30
C VAL A 218 -6.51 38.85 -31.77
N GLN A 219 -7.62 39.53 -32.03
CA GLN A 219 -7.92 39.98 -33.38
C GLN A 219 -7.68 41.47 -33.48
N ARG A 220 -6.94 41.87 -34.51
CA ARG A 220 -6.73 43.27 -34.81
C ARG A 220 -7.29 43.56 -36.19
N ASN A 221 -6.56 43.15 -37.23
CA ASN A 221 -6.96 43.34 -38.59
C ASN A 221 -7.70 42.07 -38.93
N ILE A 222 -9.03 42.16 -38.93
CA ILE A 222 -9.83 40.98 -39.23
C ILE A 222 -9.72 40.58 -40.70
N TYR A 223 -9.19 41.45 -41.52
CA TYR A 223 -8.96 41.14 -42.91
C TYR A 223 -7.59 40.52 -43.19
N ASN A 224 -6.77 40.35 -42.16
CA ASN A 224 -5.47 39.80 -42.36
C ASN A 224 -5.36 38.30 -42.13
N VAL A 225 -5.22 37.95 -40.86
CA VAL A 225 -4.90 36.62 -40.43
C VAL A 225 -6.12 35.72 -40.19
N LYS A 232 2.89 36.99 -41.10
CA LYS A 232 4.10 36.52 -40.43
C LYS A 232 3.94 36.44 -38.88
N VAL A 233 3.40 35.30 -38.40
CA VAL A 233 3.08 35.07 -36.95
C VAL A 233 4.30 35.31 -36.01
N ASP A 234 3.98 35.62 -34.75
CA ASP A 234 4.99 36.01 -33.78
C ASP A 234 5.42 34.82 -32.92
N ALA A 235 6.59 34.98 -32.31
CA ALA A 235 7.28 33.89 -31.70
C ALA A 235 6.48 33.22 -30.54
N LYS A 236 5.74 33.99 -29.76
CA LYS A 236 5.14 33.45 -28.57
C LYS A 236 4.26 32.29 -28.93
N HIS A 237 3.56 32.36 -30.04
CA HIS A 237 2.55 31.37 -30.27
C HIS A 237 3.11 30.08 -30.79
N LEU A 238 4.43 30.00 -31.01
CA LEU A 238 5.03 28.73 -31.44
C LEU A 238 5.41 27.83 -30.24
N ILE A 239 5.43 28.41 -29.04
CA ILE A 239 5.66 27.66 -27.80
C ILE A 239 4.39 26.89 -27.46
N GLU A 240 4.36 25.62 -27.77
CA GLU A 240 3.21 24.81 -27.49
C GLU A 240 3.14 24.41 -26.04
N ASP A 241 4.27 24.07 -25.42
CA ASP A 241 4.31 23.65 -23.98
C ASP A 241 5.72 23.62 -23.42
N ILE A 242 5.82 23.40 -22.12
CA ILE A 242 7.05 23.07 -21.46
C ILE A 242 7.00 21.64 -20.89
N ARG A 243 8.17 20.98 -20.88
CA ARG A 243 8.25 19.58 -20.67
C ARG A 243 9.33 19.31 -19.64
N GLU A 244 9.09 18.29 -18.80
CA GLU A 244 10.02 17.89 -17.77
C GLU A 244 10.40 19.05 -16.87
N TYR A 245 9.41 19.84 -16.48
CA TYR A 245 9.68 21.10 -15.79
C TYR A 245 9.52 20.94 -14.28
N ASP A 246 9.02 19.80 -13.82
CA ASP A 246 8.68 19.57 -12.41
C ASP A 246 9.33 18.29 -11.95
N VAL A 247 10.50 17.94 -12.47
CA VAL A 247 11.17 16.71 -12.01
C VAL A 247 11.96 17.18 -10.82
N PRO A 248 11.78 16.55 -9.63
CA PRO A 248 12.50 17.10 -8.46
C PRO A 248 14.01 17.01 -8.68
N TYR A 249 14.74 18.02 -8.21
CA TYR A 249 16.12 18.16 -8.59
C TYR A 249 16.97 17.02 -8.14
N HIS A 250 16.81 16.54 -6.91
CA HIS A 250 17.62 15.43 -6.43
C HIS A 250 17.38 14.17 -7.32
N VAL A 251 16.17 14.00 -7.82
CA VAL A 251 15.84 12.87 -8.71
C VAL A 251 16.52 13.02 -10.05
N ARG A 252 16.47 14.24 -10.56
CA ARG A 252 17.04 14.56 -11.86
C ARG A 252 18.53 14.24 -11.88
N VAL A 253 19.20 14.55 -10.78
CA VAL A 253 20.60 14.23 -10.67
C VAL A 253 20.83 12.75 -10.50
N SER A 254 20.11 12.09 -9.61
CA SER A 254 20.22 10.66 -9.43
C SER A 254 19.97 9.88 -10.72
N ILE A 255 18.99 10.30 -11.49
CA ILE A 255 18.72 9.61 -12.78
C ILE A 255 19.81 9.88 -13.84
N ASP A 256 20.09 11.14 -14.10
CA ASP A 256 20.97 11.50 -15.21
C ASP A 256 22.37 11.03 -14.91
N LYS A 257 22.81 11.05 -13.65
CA LYS A 257 24.15 10.57 -13.31
C LYS A 257 24.20 9.11 -12.99
N ASP A 258 23.02 8.48 -12.82
CA ASP A 258 22.94 7.07 -12.54
C ASP A 258 23.64 6.70 -11.21
N ILE A 259 23.29 7.42 -10.14
CA ILE A 259 23.86 7.19 -8.83
C ILE A 259 22.70 6.70 -7.97
N ARG A 260 22.93 5.68 -7.14
CA ARG A 260 21.92 5.12 -6.18
C ARG A 260 22.44 4.83 -4.78
N VAL A 261 21.67 5.24 -3.79
CA VAL A 261 21.97 4.88 -2.45
C VAL A 261 22.05 3.39 -2.37
N GLY A 262 22.95 2.86 -1.55
CA GLY A 262 23.12 1.41 -1.40
C GLY A 262 24.22 0.76 -2.26
N LYS A 263 24.70 1.48 -3.26
CA LYS A 263 25.81 1.01 -4.06
C LYS A 263 27.08 1.70 -3.63
N TRP A 264 28.20 1.13 -4.08
CA TRP A 264 29.56 1.54 -3.74
C TRP A 264 30.08 2.27 -4.93
N TYR A 265 30.77 3.38 -4.69
CA TYR A 265 31.34 4.24 -5.71
C TYR A 265 32.80 4.62 -5.28
N LYS A 266 33.69 4.76 -6.28
CA LYS A 266 34.90 5.56 -6.08
C LYS A 266 34.65 7.00 -6.53
N VAL A 267 34.80 7.94 -5.61
CA VAL A 267 34.69 9.36 -5.91
C VAL A 267 36.02 9.89 -6.48
N THR A 268 35.95 10.45 -7.69
CA THR A 268 37.08 10.91 -8.51
C THR A 268 36.69 12.26 -9.06
N GLN A 269 37.69 12.93 -9.64
CA GLN A 269 37.45 14.26 -10.24
C GLN A 269 36.50 14.14 -11.45
N GLN A 270 36.57 13.01 -12.12
CA GLN A 270 35.73 12.68 -13.24
C GLN A 270 34.25 12.40 -12.90
N GLY A 271 33.99 12.06 -11.63
CA GLY A 271 32.66 11.73 -11.14
C GLY A 271 32.71 10.44 -10.34
N PHE A 272 31.52 9.92 -10.08
CA PHE A 272 31.39 8.74 -9.24
C PHE A 272 31.50 7.53 -10.13
N ILE A 273 32.38 6.60 -9.80
CA ILE A 273 32.55 5.41 -10.56
C ILE A 273 32.03 4.24 -9.78
N GLU A 274 30.96 3.61 -10.24
CA GLU A 274 30.37 2.45 -9.53
C GLU A 274 31.36 1.30 -9.43
N ASP A 275 31.52 0.80 -8.22
CA ASP A 275 32.26 -0.42 -8.06
C ASP A 275 31.32 -1.60 -8.07
N THR A 276 31.21 -2.16 -9.27
CA THR A 276 30.43 -3.35 -9.53
C THR A 276 30.95 -4.61 -8.84
N ARG A 277 32.19 -4.58 -8.35
CA ARG A 277 32.72 -5.72 -7.59
C ARG A 277 32.21 -5.84 -6.16
N LYS A 278 31.81 -4.72 -5.58
CA LYS A 278 31.30 -4.70 -4.21
C LYS A 278 29.79 -4.54 -4.30
N ILE A 279 29.07 -5.52 -3.75
CA ILE A 279 27.62 -5.54 -3.69
C ILE A 279 27.11 -5.54 -2.26
N ALA A 280 27.68 -6.35 -1.36
CA ALA A 280 27.36 -6.31 0.08
C ALA A 280 27.42 -4.91 0.68
N PHE A 281 26.36 -4.51 1.37
CA PHE A 281 26.29 -3.22 2.01
C PHE A 281 27.38 -3.08 3.10
N ALA A 282 27.85 -1.85 3.35
CA ALA A 282 28.57 -1.52 4.60
C ALA A 282 27.58 -1.46 5.75
N ASP A 283 28.08 -1.23 6.97
CA ASP A 283 27.22 -1.30 8.17
C ASP A 283 27.12 0.03 8.80
N PRO A 284 25.99 0.72 8.58
CA PRO A 284 25.85 2.02 9.27
C PRO A 284 25.76 1.82 10.78
N VAL A 285 26.05 2.88 11.55
CA VAL A 285 25.67 2.89 12.95
C VAL A 285 24.14 3.13 13.04
N VAL A 286 23.41 2.23 13.69
CA VAL A 286 21.99 2.31 13.74
C VAL A 286 21.47 2.51 15.14
N MET A 287 20.70 3.56 15.34
CA MET A 287 20.06 3.76 16.63
C MET A 287 18.55 3.70 16.56
N ALA A 288 17.87 2.99 17.47
CA ALA A 288 16.44 3.02 17.58
C ALA A 288 16.06 3.47 18.99
N PHE A 289 15.03 4.32 19.11
CA PHE A 289 14.57 4.80 20.37
C PHE A 289 13.02 4.92 20.48
N ALA A 290 12.58 4.86 21.73
CA ALA A 290 11.20 5.07 22.15
C ALA A 290 11.20 5.96 23.45
N ILE A 291 10.32 6.95 23.52
CA ILE A 291 10.08 7.73 24.73
C ILE A 291 8.83 7.30 25.46
N ALA A 292 8.84 7.54 26.76
CA ALA A 292 7.70 7.39 27.63
C ALA A 292 7.48 8.73 28.32
N THR A 293 6.22 9.18 28.32
CA THR A 293 5.87 10.45 28.89
C THR A 293 4.76 10.27 29.93
N THR A 294 4.65 11.24 30.85
CA THR A 294 3.54 11.36 31.79
C THR A 294 2.34 11.81 30.96
N LYS A 295 1.14 11.61 31.49
CA LYS A 295 -0.07 12.20 30.89
C LYS A 295 -1.18 12.25 31.97
N PRO A 296 -2.18 13.09 31.77
CA PRO A 296 -3.28 13.00 32.72
C PRO A 296 -4.17 11.78 32.55
N PRO A 297 -4.84 11.35 33.62
CA PRO A 297 -5.82 10.28 33.47
C PRO A 297 -6.89 10.49 32.35
N LEU A 298 -7.07 9.44 31.56
CA LEU A 298 -8.01 9.39 30.43
C LEU A 298 -7.81 10.41 29.32
N LYS A 299 -6.75 11.22 29.32
CA LYS A 299 -6.46 12.13 28.22
C LYS A 299 -5.16 11.77 27.55
N PHE A 300 -4.85 12.52 26.51
CA PHE A 300 -3.63 12.32 25.77
C PHE A 300 -2.50 13.15 26.35
N PRO A 301 -1.26 12.67 26.12
CA PRO A 301 -0.05 13.42 26.49
C PRO A 301 -0.05 14.77 25.84
N ASP A 302 0.31 15.81 26.58
CA ASP A 302 0.44 17.12 25.97
C ASP A 302 1.81 17.72 26.28
N SER A 303 2.60 18.03 25.25
CA SER A 303 4.01 18.34 25.45
C SER A 303 4.24 19.71 26.08
N ALA A 304 3.21 20.53 26.08
CA ALA A 304 3.21 21.79 26.78
C ALA A 304 3.31 21.65 28.28
N VAL A 305 2.85 20.53 28.82
CA VAL A 305 2.84 20.35 30.25
C VAL A 305 3.36 19.03 30.73
N ASP A 306 3.18 17.96 29.95
CA ASP A 306 3.71 16.68 30.33
C ASP A 306 5.20 16.56 30.11
N GLN A 307 5.83 15.69 30.87
CA GLN A 307 7.29 15.59 30.85
C GLN A 307 7.72 14.25 30.31
N ILE A 308 8.93 14.18 29.77
CA ILE A 308 9.51 12.88 29.43
C ILE A 308 10.06 12.19 30.68
N MET A 309 9.69 10.93 30.89
CA MET A 309 10.14 10.18 32.04
C MET A 309 11.24 9.15 31.77
N MET A 310 11.26 8.57 30.55
CA MET A 310 12.33 7.67 30.10
C MET A 310 12.50 7.81 28.60
N ILE A 311 13.74 7.58 28.13
CA ILE A 311 14.03 7.29 26.75
C ILE A 311 14.82 6.03 26.75
N SER A 312 14.28 4.98 26.11
CA SER A 312 14.99 3.70 25.89
C SER A 312 15.52 3.76 24.48
N TYR A 313 16.66 3.15 24.27
CA TYR A 313 17.21 3.04 22.95
C TYR A 313 18.20 1.89 22.79
N MET A 314 18.48 1.54 21.55
CA MET A 314 19.51 0.59 21.22
C MET A 314 20.39 1.20 20.17
N ILE A 315 21.69 0.97 20.27
CA ILE A 315 22.69 1.36 19.30
C ILE A 315 23.48 0.10 18.92
N ASP A 316 23.34 -0.32 17.67
CA ASP A 316 24.01 -1.48 17.15
C ASP A 316 23.94 -2.64 18.12
N GLY A 317 22.78 -2.80 18.72
CA GLY A 317 22.52 -4.01 19.50
C GLY A 317 22.79 -3.91 20.98
N GLU A 318 23.12 -2.70 21.45
CA GLU A 318 23.41 -2.40 22.88
C GLU A 318 22.37 -1.44 23.41
N GLY A 319 21.79 -1.76 24.55
CA GLY A 319 20.67 -0.97 25.08
C GLY A 319 21.09 0.09 26.08
N PHE A 320 20.33 1.16 26.09
CA PHE A 320 20.49 2.26 26.97
C PHE A 320 19.08 2.67 27.39
N LEU A 321 18.96 3.11 28.65
CA LEU A 321 17.77 3.66 29.23
C LEU A 321 18.12 4.89 30.07
N ILE A 322 17.51 6.02 29.73
CA ILE A 322 17.75 7.24 30.41
C ILE A 322 16.51 7.46 31.19
N THR A 323 16.67 7.93 32.42
CA THR A 323 15.60 7.96 33.39
C THR A 323 15.54 9.41 33.91
N ASN A 324 14.35 9.90 34.17
CA ASN A 324 14.16 11.19 34.73
C ASN A 324 13.74 11.08 36.17
N ARG A 325 14.71 11.24 37.09
CA ARG A 325 14.51 10.98 38.52
C ARG A 325 13.68 12.02 39.29
N GLU A 326 13.19 13.07 38.65
CA GLU A 326 12.13 13.90 39.19
C GLU A 326 10.83 13.14 39.19
N ILE A 327 10.76 12.09 38.39
CA ILE A 327 9.53 11.35 38.16
C ILE A 327 9.67 9.89 38.54
N ILE A 328 10.69 9.25 38.02
CA ILE A 328 10.99 7.87 38.30
C ILE A 328 11.55 7.77 39.72
N SER A 329 10.87 7.05 40.59
CA SER A 329 11.08 7.18 42.02
C SER A 329 12.23 6.32 42.58
N GLU A 330 12.94 5.59 41.73
CA GLU A 330 14.22 5.03 42.17
C GLU A 330 15.20 4.91 41.03
N ASP A 331 16.47 4.82 41.37
CA ASP A 331 17.51 4.58 40.41
C ASP A 331 17.24 3.21 39.86
N ILE A 332 17.10 3.14 38.54
CA ILE A 332 16.95 1.85 37.90
C ILE A 332 18.33 1.29 37.67
N GLU A 333 18.48 -0.03 37.88
CA GLU A 333 19.73 -0.75 37.66
C GLU A 333 19.78 -1.42 36.25
N ASP A 334 20.99 -1.74 35.82
CA ASP A 334 21.26 -2.31 34.55
C ASP A 334 20.58 -3.62 34.53
N PHE A 335 19.97 -3.98 33.39
CA PHE A 335 19.36 -5.31 33.29
C PHE A 335 19.24 -5.76 31.87
N GLU A 336 18.88 -7.02 31.72
CA GLU A 336 18.82 -7.70 30.45
C GLU A 336 17.37 -7.90 30.11
N TYR A 337 16.99 -7.55 28.89
CA TYR A 337 15.75 -8.06 28.30
C TYR A 337 15.98 -8.62 26.89
N THR A 338 15.97 -9.93 26.81
CA THR A 338 16.39 -10.67 25.65
C THR A 338 15.31 -11.72 25.38
N PRO A 339 14.36 -11.41 24.47
CA PRO A 339 13.16 -12.27 24.28
C PRO A 339 13.40 -13.47 23.42
N LYS A 340 14.49 -13.45 22.68
CA LYS A 340 14.98 -14.59 21.95
C LYS A 340 16.49 -14.49 21.90
N PRO A 341 17.22 -15.61 21.85
CA PRO A 341 18.69 -15.45 21.81
C PRO A 341 19.14 -14.56 20.63
N GLU A 342 18.48 -14.65 19.49
CA GLU A 342 18.67 -13.74 18.35
C GLU A 342 18.61 -12.25 18.67
N TYR A 343 17.78 -11.87 19.63
CA TYR A 343 17.56 -10.49 19.97
C TYR A 343 18.13 -10.07 21.33
N PRO A 344 19.43 -10.05 21.47
CA PRO A 344 19.97 -9.70 22.77
C PRO A 344 19.58 -8.28 23.18
N GLY A 345 19.26 -8.09 24.43
CA GLY A 345 19.11 -6.75 24.94
C GLY A 345 19.69 -6.51 26.32
N PHE A 346 20.96 -6.12 26.38
CA PHE A 346 21.59 -5.78 27.69
C PHE A 346 21.49 -4.27 27.83
N PHE A 347 20.73 -3.80 28.82
CA PHE A 347 20.56 -2.39 28.98
C PHE A 347 21.44 -1.77 30.09
N THR A 348 22.15 -0.69 29.72
CA THR A 348 22.92 0.17 30.65
C THR A 348 22.10 1.41 30.98
N ILE A 349 22.10 1.82 32.27
CA ILE A 349 21.22 2.87 32.75
C ILE A 349 21.92 4.19 33.03
N PHE A 350 21.23 5.29 32.68
CA PHE A 350 21.65 6.65 32.97
C PHE A 350 20.54 7.32 33.74
N ASN A 351 20.67 7.29 35.07
CA ASN A 351 19.70 7.91 35.93
C ASN A 351 19.99 9.40 36.07
N GLU A 352 19.22 10.24 35.40
CA GLU A 352 19.47 11.68 35.39
C GLU A 352 18.54 12.37 36.35
N ASN A 353 18.96 13.52 36.88
CA ASN A 353 18.21 14.13 37.97
C ASN A 353 16.88 14.69 37.49
N ASP A 354 16.85 15.21 36.27
CA ASP A 354 15.63 15.83 35.79
C ASP A 354 15.50 15.79 34.26
N GLU A 355 14.52 16.51 33.75
CA GLU A 355 14.12 16.37 32.39
C GLU A 355 15.20 16.89 31.50
N VAL A 356 15.75 18.04 31.84
CA VAL A 356 16.73 18.72 30.99
C VAL A 356 18.00 17.84 30.90
N ALA A 357 18.36 17.23 32.00
CA ALA A 357 19.52 16.41 32.01
C ALA A 357 19.29 15.17 31.10
N LEU A 358 18.11 14.56 31.21
CA LEU A 358 17.73 13.42 30.34
C LEU A 358 17.88 13.82 28.89
N LEU A 359 17.37 14.99 28.51
CA LEU A 359 17.56 15.49 27.13
C LEU A 359 19.01 15.69 26.71
N GLN A 360 19.80 16.26 27.62
CA GLN A 360 21.19 16.57 27.32
C GLN A 360 21.98 15.30 27.24
N ARG A 361 21.68 14.37 28.10
CA ARG A 361 22.28 13.04 27.97
C ARG A 361 21.90 12.33 26.59
N PHE A 362 20.66 12.53 26.10
CA PHE A 362 20.23 11.88 24.84
C PHE A 362 21.02 12.46 23.68
N PHE A 363 21.03 13.79 23.59
CA PHE A 363 21.74 14.49 22.55
C PHE A 363 23.24 14.22 22.57
N GLU A 364 23.83 14.27 23.76
CA GLU A 364 25.23 14.01 23.84
C GLU A 364 25.56 12.56 23.38
N HIS A 365 24.78 11.58 23.80
CA HIS A 365 25.03 10.23 23.30
C HIS A 365 24.93 10.09 21.78
N ILE A 366 23.99 10.79 21.21
CA ILE A 366 23.83 10.78 19.78
C ILE A 366 25.06 11.39 19.11
N ARG A 367 25.50 12.54 19.62
CA ARG A 367 26.75 13.17 19.16
C ARG A 367 27.94 12.22 19.36
N ASP A 368 28.01 11.49 20.46
CA ASP A 368 29.08 10.53 20.65
C ASP A 368 29.16 9.42 19.56
N VAL A 369 28.03 8.81 19.17
CA VAL A 369 28.06 7.58 18.29
C VAL A 369 27.87 7.84 16.80
N ARG A 370 27.29 8.97 16.46
CA ARG A 370 27.11 9.41 15.11
C ARG A 370 26.27 8.37 14.32
N PRO A 371 25.02 8.16 14.76
CA PRO A 371 24.17 7.21 14.04
C PRO A 371 23.95 7.81 12.66
N THR A 372 23.92 6.95 11.67
CA THR A 372 23.42 7.37 10.39
C THR A 372 22.04 6.82 9.98
N VAL A 373 21.51 5.89 10.76
CA VAL A 373 20.11 5.68 10.82
C VAL A 373 19.61 5.85 12.24
N ILE A 374 18.53 6.62 12.39
CA ILE A 374 17.76 6.61 13.62
C ILE A 374 16.36 6.11 13.30
N SER A 375 15.93 5.05 13.94
CA SER A 375 14.64 4.46 13.70
C SER A 375 13.73 4.67 14.89
N THR A 376 12.44 4.77 14.61
CA THR A 376 11.41 4.83 15.64
C THR A 376 10.19 4.00 15.21
N PHE A 377 9.17 3.95 16.06
CA PHE A 377 7.87 3.47 15.66
C PHE A 377 6.86 4.58 15.89
N ASN A 378 6.40 5.26 14.81
CA ASN A 378 5.56 6.42 14.93
C ASN A 378 6.26 7.61 15.59
N GLY A 379 7.57 7.74 15.41
CA GLY A 379 8.28 8.88 15.91
C GLY A 379 8.03 10.18 15.24
N ASP A 380 7.60 10.20 13.98
CA ASP A 380 7.31 11.45 13.32
C ASP A 380 6.11 12.13 13.91
N PHE A 381 5.15 11.36 14.41
CA PHE A 381 3.96 11.94 15.01
C PHE A 381 3.92 12.03 16.53
N PHE A 382 4.64 11.19 17.25
CA PHE A 382 4.68 11.29 18.68
C PHE A 382 6.11 11.63 19.24
N ASP A 383 7.02 10.66 19.27
CA ASP A 383 8.34 10.84 19.86
C ASP A 383 9.02 12.16 19.53
N TRP A 384 9.30 12.40 18.25
CA TRP A 384 10.13 13.50 17.83
C TRP A 384 9.54 14.85 18.22
N PRO A 385 8.27 15.11 17.86
CA PRO A 385 7.66 16.39 18.23
C PRO A 385 7.60 16.64 19.76
N PHE A 386 7.44 15.55 20.51
CA PHE A 386 7.47 15.64 21.93
C PHE A 386 8.86 16.08 22.41
N ILE A 387 9.88 15.38 21.97
CA ILE A 387 11.22 15.77 22.24
C ILE A 387 11.51 17.19 21.83
N HIS A 388 11.13 17.59 20.63
CA HIS A 388 11.34 18.98 20.17
C HIS A 388 10.66 20.03 21.09
N ASN A 389 9.45 19.76 21.56
CA ASN A 389 8.72 20.79 22.30
C ASN A 389 9.23 20.95 23.73
N ARG A 390 9.61 19.86 24.37
CA ARG A 390 10.25 19.89 25.66
C ARG A 390 11.64 20.52 25.56
N SER A 391 12.36 20.27 24.46
CA SER A 391 13.65 20.91 24.26
C SER A 391 13.53 22.41 24.28
N LYS A 392 12.60 22.91 23.50
CA LYS A 392 12.28 24.34 23.48
C LYS A 392 11.84 24.88 24.86
N ILE A 393 11.01 24.14 25.59
CA ILE A 393 10.61 24.65 26.87
C ILE A 393 11.83 24.87 27.79
N HIS A 394 12.84 24.02 27.71
CA HIS A 394 14.03 24.20 28.52
C HIS A 394 15.14 25.03 27.82
N GLY A 395 14.81 25.81 26.81
CA GLY A 395 15.82 26.60 26.17
C GLY A 395 16.91 25.90 25.39
N LEU A 396 16.65 24.65 24.95
CA LEU A 396 17.61 23.93 24.11
C LEU A 396 17.24 24.03 22.64
N ASP A 397 18.24 24.00 21.77
CA ASP A 397 18.03 24.08 20.32
C ASP A 397 18.35 22.72 19.66
N MET A 398 17.31 21.98 19.34
CA MET A 398 17.50 20.57 18.91
C MET A 398 18.28 20.57 17.61
N PHE A 399 17.96 21.48 16.72
CA PHE A 399 18.71 21.53 15.53
C PHE A 399 20.23 21.71 15.80
N ASP A 400 20.63 22.63 16.71
CA ASP A 400 22.06 22.81 17.02
C ASP A 400 22.62 21.65 17.74
N GLU A 401 21.82 20.96 18.51
CA GLU A 401 22.37 19.85 19.31
C GLU A 401 22.63 18.58 18.46
N ILE A 402 21.71 18.26 17.55
CA ILE A 402 21.84 17.02 16.75
C ILE A 402 21.38 17.07 15.29
N GLY A 403 20.99 18.24 14.82
CA GLY A 403 20.79 18.46 13.40
C GLY A 403 19.45 18.01 12.82
N PHE A 404 18.51 17.70 13.70
CA PHE A 404 17.13 17.34 13.40
C PHE A 404 16.18 18.51 13.62
N ALA A 405 15.24 18.63 12.68
CA ALA A 405 14.16 19.64 12.62
C ALA A 405 12.97 19.09 11.80
N PRO A 406 11.78 19.66 12.02
CA PRO A 406 10.68 19.29 11.19
C PRO A 406 10.85 19.86 9.78
N ASP A 407 10.46 19.10 8.75
CA ASP A 407 10.49 19.56 7.36
C ASP A 407 9.12 20.08 6.96
N ALA A 408 8.94 20.40 5.70
CA ALA A 408 7.66 21.02 5.29
C ALA A 408 6.42 20.11 5.56
N GLU A 409 6.60 18.79 5.64
CA GLU A 409 5.47 17.90 5.96
C GLU A 409 5.24 17.76 7.46
N GLY A 410 6.00 18.47 8.27
CA GLY A 410 5.98 18.22 9.69
C GLY A 410 6.76 16.97 10.11
N GLU A 411 7.51 16.35 9.20
CA GLU A 411 8.28 15.17 9.59
C GLU A 411 9.72 15.52 10.00
N TYR A 412 10.32 14.73 10.88
CA TYR A 412 11.64 14.97 11.44
C TYR A 412 12.78 14.25 10.65
N LYS A 413 13.67 15.10 10.17
CA LYS A 413 14.74 14.79 9.21
C LYS A 413 16.03 15.49 9.64
N SER A 414 17.15 14.85 9.33
CA SER A 414 18.49 15.47 9.32
C SER A 414 19.17 15.29 7.99
N SER A 415 20.32 15.92 7.82
CA SER A 415 21.13 15.74 6.63
C SER A 415 21.92 14.41 6.68
N TYR A 416 22.54 14.14 7.81
CA TYR A 416 23.51 13.12 7.94
C TYR A 416 22.87 11.82 8.42
N CYS A 417 21.60 11.85 8.87
CA CYS A 417 21.05 10.63 9.45
C CYS A 417 19.59 10.39 9.05
N SER A 418 19.30 9.25 8.45
CA SER A 418 17.92 8.95 8.02
C SER A 418 17.04 8.71 9.21
N HIS A 419 15.82 9.19 9.13
CA HIS A 419 14.82 8.84 10.13
C HIS A 419 13.87 7.77 9.57
N MET A 420 14.08 6.54 9.99
CA MET A 420 13.39 5.42 9.48
C MET A 420 12.32 5.08 10.50
N ASP A 421 11.15 5.66 10.28
CA ASP A 421 9.98 5.42 11.11
C ASP A 421 9.37 4.11 10.64
N CYS A 422 9.50 3.07 11.46
CA CYS A 422 9.04 1.75 11.11
C CYS A 422 7.54 1.71 10.85
N PHE A 423 6.77 2.56 11.49
CA PHE A 423 5.34 2.63 11.22
C PHE A 423 5.00 2.87 9.74
N ARG A 424 5.83 3.64 9.03
CA ARG A 424 5.60 3.89 7.60
C ARG A 424 5.72 2.59 6.80
N TRP A 425 6.71 1.77 7.11
CA TRP A 425 6.92 0.46 6.46
C TRP A 425 5.75 -0.45 6.82
N VAL A 426 5.37 -0.43 8.10
CA VAL A 426 4.23 -1.18 8.54
C VAL A 426 3.01 -0.83 7.69
N LYS A 427 2.65 0.42 7.53
CA LYS A 427 1.41 0.75 6.79
C LYS A 427 1.50 0.44 5.28
N ARG A 428 2.69 0.62 4.70
CA ARG A 428 2.84 0.51 3.26
C ARG A 428 3.18 -0.90 2.75
N ASP A 429 4.06 -1.58 3.43
CA ASP A 429 4.77 -2.72 2.93
C ASP A 429 4.58 -4.04 3.73
N SER A 430 4.07 -3.98 4.95
CA SER A 430 4.00 -5.20 5.76
C SER A 430 2.93 -6.19 5.32
N TYR A 431 1.92 -5.69 4.61
CA TYR A 431 0.71 -6.47 4.25
C TYR A 431 -0.09 -6.87 5.47
N LEU A 432 -0.02 -6.16 6.58
CA LEU A 432 -0.84 -6.49 7.74
C LEU A 432 -2.10 -5.67 7.72
N PRO A 433 -3.19 -6.25 8.19
CA PRO A 433 -4.39 -5.44 8.36
C PRO A 433 -4.18 -4.34 9.40
N GLN A 434 -4.87 -3.25 9.24
CA GLN A 434 -4.72 -2.12 10.15
C GLN A 434 -4.97 -2.56 11.57
N GLY A 435 -5.86 -3.55 11.78
CA GLY A 435 -6.07 -4.11 13.16
C GLY A 435 -4.83 -4.73 13.78
N SER A 436 -3.84 -5.10 12.94
CA SER A 436 -2.59 -5.65 13.47
C SER A 436 -1.37 -4.75 13.23
N GLN A 437 -1.58 -3.44 13.13
CA GLN A 437 -0.47 -2.52 12.85
C GLN A 437 0.14 -1.80 14.06
N GLY A 438 -0.31 -2.12 15.27
CA GLY A 438 0.31 -1.66 16.51
C GLY A 438 1.62 -2.42 16.71
N LEU A 439 2.54 -1.82 17.49
CA LEU A 439 3.86 -2.45 17.73
C LEU A 439 3.74 -3.82 18.30
N LYS A 440 2.82 -3.99 19.22
CA LYS A 440 2.62 -5.29 19.83
C LYS A 440 2.30 -6.37 18.77
N ALA A 441 1.25 -6.11 17.97
CA ALA A 441 0.86 -7.07 16.95
C ALA A 441 1.95 -7.26 15.84
N VAL A 442 2.66 -6.19 15.50
CA VAL A 442 3.75 -6.31 14.52
C VAL A 442 4.87 -7.14 15.13
N THR A 443 5.10 -6.96 16.43
CA THR A 443 6.17 -7.69 17.06
C THR A 443 5.83 -9.22 16.98
N GLN A 444 4.60 -9.60 17.30
CA GLN A 444 4.21 -11.04 17.33
C GLN A 444 4.28 -11.65 15.95
N SER A 445 3.78 -10.91 14.99
CA SER A 445 3.73 -11.39 13.61
C SER A 445 5.14 -11.50 13.05
N LYS A 446 5.99 -10.51 13.30
CA LYS A 446 7.18 -10.42 12.51
C LYS A 446 8.42 -10.90 13.24
N LEU A 447 8.46 -10.71 14.56
CA LEU A 447 9.62 -11.15 15.34
C LEU A 447 9.33 -12.45 16.13
N GLY A 448 8.06 -12.78 16.29
CA GLY A 448 7.68 -14.13 16.69
C GLY A 448 7.72 -14.36 18.20
N TYR A 449 7.44 -13.32 18.97
CA TYR A 449 7.42 -13.41 20.39
C TYR A 449 6.48 -12.33 20.88
N ASN A 450 6.21 -12.36 22.15
CA ASN A 450 5.17 -11.60 22.75
C ASN A 450 5.75 -10.52 23.66
N PRO A 451 5.72 -9.25 23.24
CA PRO A 451 6.44 -8.27 24.03
C PRO A 451 5.70 -7.86 25.26
N ILE A 452 6.39 -7.10 26.10
CA ILE A 452 5.78 -6.60 27.32
C ILE A 452 4.75 -5.55 26.99
N GLU A 453 3.65 -5.69 27.72
CA GLU A 453 2.47 -4.91 27.55
C GLU A 453 2.11 -4.22 28.86
N LEU A 454 1.69 -2.96 28.77
CA LEU A 454 1.33 -2.13 29.92
C LEU A 454 0.22 -1.17 29.54
N ASP A 455 -0.84 -1.11 30.33
CA ASP A 455 -1.96 -0.20 30.12
C ASP A 455 -1.50 1.28 30.17
N PRO A 456 -1.88 2.07 29.15
CA PRO A 456 -1.40 3.45 29.13
C PRO A 456 -1.79 4.26 30.35
N GLU A 457 -2.99 4.00 30.87
CA GLU A 457 -3.45 4.64 32.13
C GLU A 457 -2.54 4.33 33.34
N LEU A 458 -1.78 3.22 33.29
CA LEU A 458 -0.90 2.88 34.40
C LEU A 458 0.53 3.43 34.36
N MET A 459 0.94 4.07 33.27
CA MET A 459 2.38 4.41 33.12
C MET A 459 2.87 5.55 34.05
N THR A 460 2.06 6.59 34.21
CA THR A 460 2.38 7.72 35.07
C THR A 460 2.43 7.23 36.54
N PRO A 461 1.34 6.61 37.06
CA PRO A 461 1.33 6.04 38.42
C PRO A 461 2.46 5.08 38.71
N TYR A 462 2.79 4.20 37.78
CA TYR A 462 3.88 3.24 37.96
C TYR A 462 5.28 3.88 38.09
N ALA A 463 5.46 5.04 37.51
CA ALA A 463 6.70 5.79 37.67
C ALA A 463 7.01 5.87 39.17
N PHE A 464 5.98 6.22 39.96
CA PHE A 464 6.09 6.28 41.41
C PHE A 464 6.05 4.88 42.02
N GLU A 465 5.04 4.10 41.69
CA GLU A 465 4.73 2.89 42.40
C GLU A 465 5.49 1.67 41.94
N LYS A 466 5.76 1.51 40.64
CA LYS A 466 6.44 0.30 40.16
C LYS A 466 7.47 0.64 39.07
N PRO A 467 8.53 1.37 39.40
CA PRO A 467 9.38 2.00 38.42
C PRO A 467 10.12 0.95 37.62
N GLN A 468 10.39 -0.19 38.23
CA GLN A 468 11.02 -1.30 37.53
C GLN A 468 10.13 -1.88 36.43
N HIS A 469 8.84 -1.99 36.70
CA HIS A 469 7.94 -2.56 35.70
C HIS A 469 7.81 -1.60 34.50
N LEU A 470 7.63 -0.31 34.78
CA LEU A 470 7.62 0.68 33.73
C LEU A 470 8.90 0.64 32.86
N SER A 471 10.05 0.43 33.48
CA SER A 471 11.30 0.43 32.72
C SER A 471 11.44 -0.84 31.88
N GLU A 472 10.84 -1.92 32.33
CA GLU A 472 10.86 -3.11 31.53
C GLU A 472 10.01 -2.93 30.25
N TYR A 473 8.88 -2.25 30.37
CA TYR A 473 8.04 -1.92 29.26
C TYR A 473 8.80 -1.01 28.27
N SER A 474 9.41 0.03 28.83
CA SER A 474 10.12 1.00 28.08
C SER A 474 11.18 0.31 27.25
N VAL A 475 11.99 -0.55 27.85
CA VAL A 475 13.06 -1.13 27.12
C VAL A 475 12.53 -2.17 26.12
N SER A 476 11.39 -2.81 26.42
CA SER A 476 10.78 -3.75 25.47
C SER A 476 10.43 -3.08 24.11
N ASP A 477 9.86 -1.89 24.18
CA ASP A 477 9.66 -1.04 23.01
C ASP A 477 10.89 -0.80 22.14
N ALA A 478 11.99 -0.45 22.77
CA ALA A 478 13.20 -0.17 22.05
C ALA A 478 13.74 -1.44 21.44
N VAL A 479 13.58 -2.58 22.12
CA VAL A 479 14.08 -3.87 21.59
C VAL A 479 13.24 -4.26 20.31
N ALA A 480 11.94 -4.14 20.43
CA ALA A 480 11.03 -4.51 19.34
C ALA A 480 11.38 -3.61 18.14
N THR A 481 11.61 -2.32 18.41
CA THR A 481 11.77 -1.38 17.40
C THR A 481 13.06 -1.58 16.68
N TYR A 482 14.15 -1.82 17.44
CA TYR A 482 15.46 -2.06 16.87
C TYR A 482 15.51 -3.25 15.92
N TYR A 483 15.00 -4.38 16.38
CA TYR A 483 15.17 -5.57 15.61
C TYR A 483 14.15 -5.65 14.46
N LEU A 484 13.00 -4.99 14.62
CA LEU A 484 12.05 -4.80 13.53
C LEU A 484 12.72 -4.06 12.40
N TYR A 485 13.42 -2.99 12.78
CA TYR A 485 14.17 -2.18 11.86
C TYR A 485 15.28 -2.99 11.19
N MET A 486 16.14 -3.68 11.95
CA MET A 486 17.26 -4.37 11.37
C MET A 486 16.82 -5.57 10.46
N LYS A 487 15.79 -6.29 10.85
CA LYS A 487 15.37 -7.49 10.16
C LYS A 487 14.43 -7.26 8.98
N TYR A 488 13.59 -6.22 9.03
CA TYR A 488 12.55 -5.99 8.01
C TYR A 488 12.74 -4.71 7.28
N VAL A 489 12.93 -3.57 7.96
CA VAL A 489 12.88 -2.30 7.28
C VAL A 489 14.20 -2.00 6.54
N HIS A 490 15.30 -2.23 7.22
CA HIS A 490 16.59 -1.89 6.70
C HIS A 490 16.94 -2.58 5.39
N PRO A 491 16.92 -3.92 5.36
CA PRO A 491 17.24 -4.61 4.09
C PRO A 491 16.30 -4.16 2.94
N PHE A 492 15.03 -4.02 3.24
CA PHE A 492 14.08 -3.70 2.20
C PHE A 492 14.30 -2.32 1.64
N ILE A 493 14.34 -1.31 2.51
CA ILE A 493 14.47 0.07 2.02
C ILE A 493 15.81 0.34 1.30
N PHE A 494 16.91 -0.05 1.95
CA PHE A 494 18.23 0.13 1.35
C PHE A 494 18.35 -0.65 0.06
N SER A 495 17.83 -1.88 -0.02
CA SER A 495 17.86 -2.55 -1.31
C SER A 495 17.01 -1.88 -2.38
N LEU A 496 15.82 -1.42 -2.04
CA LEU A 496 14.98 -0.62 -2.96
C LEU A 496 15.68 0.66 -3.47
N CYS A 497 16.42 1.32 -2.59
CA CYS A 497 17.22 2.43 -3.02
C CYS A 497 18.24 2.08 -4.12
N THR A 498 18.70 0.83 -4.21
CA THR A 498 19.67 0.54 -5.25
C THR A 498 19.04 0.57 -6.67
N ILE A 499 17.73 0.61 -6.75
CA ILE A 499 17.05 0.74 -8.03
C ILE A 499 16.12 1.95 -8.17
N ILE A 500 15.66 2.54 -7.09
CA ILE A 500 14.82 3.73 -7.14
C ILE A 500 15.68 4.94 -6.77
N PRO A 501 15.58 6.05 -7.52
CA PRO A 501 16.44 7.21 -7.44
C PRO A 501 16.05 8.18 -6.37
N LEU A 502 16.05 7.72 -5.12
CA LEU A 502 15.60 8.47 -3.95
C LEU A 502 16.48 8.08 -2.78
N ASN A 503 16.54 8.93 -1.76
CA ASN A 503 17.20 8.55 -0.54
C ASN A 503 16.31 7.69 0.33
N PRO A 504 16.87 7.07 1.37
CA PRO A 504 16.14 6.21 2.25
C PRO A 504 14.88 6.80 2.91
N ASP A 505 14.97 8.00 3.45
CA ASP A 505 13.85 8.70 4.04
C ASP A 505 12.61 8.71 3.07
N GLU A 506 12.90 9.01 1.82
CA GLU A 506 11.90 9.23 0.79
C GLU A 506 11.39 7.88 0.34
N THR A 507 12.33 6.96 0.10
CA THR A 507 12.03 5.62 -0.30
C THR A 507 11.16 4.89 0.68
N LEU A 508 11.35 5.16 1.97
CA LEU A 508 10.43 4.68 3.03
C LEU A 508 8.99 5.25 2.94
N ARG A 509 8.89 6.49 2.57
CA ARG A 509 7.66 7.24 2.78
C ARG A 509 6.82 7.46 1.51
N LYS A 510 7.38 7.44 0.30
CA LYS A 510 6.53 7.72 -0.86
C LYS A 510 5.41 6.68 -1.07
N GLY A 511 4.30 7.10 -1.64
CA GLY A 511 3.25 6.10 -2.11
C GLY A 511 3.87 5.07 -3.08
N THR A 512 3.35 3.83 -3.11
CA THR A 512 3.76 2.86 -4.11
C THR A 512 3.56 3.28 -5.58
N GLY A 513 2.52 4.06 -5.85
CA GLY A 513 2.37 4.65 -7.18
C GLY A 513 3.52 5.55 -7.58
N THR A 514 4.01 6.36 -6.64
CA THR A 514 5.16 7.23 -6.92
C THR A 514 6.42 6.44 -7.11
N LEU A 515 6.57 5.36 -6.36
CA LEU A 515 7.71 4.46 -6.56
C LEU A 515 7.77 3.93 -8.00
N CYS A 516 6.61 3.45 -8.48
CA CYS A 516 6.42 3.03 -9.89
C CYS A 516 6.81 4.10 -10.83
N GLU A 517 6.30 5.30 -10.57
CA GLU A 517 6.65 6.43 -11.43
C GLU A 517 8.23 6.64 -11.61
N MET A 518 8.93 6.50 -10.50
CA MET A 518 10.36 6.74 -10.44
C MET A 518 11.00 5.63 -11.26
N LEU A 519 10.53 4.41 -11.10
CA LEU A 519 11.08 3.34 -11.95
C LEU A 519 10.87 3.60 -13.43
N LEU A 520 9.68 4.07 -13.77
CA LEU A 520 9.36 4.28 -15.19
C LEU A 520 10.12 5.43 -15.75
N MET A 521 10.36 6.46 -14.96
CA MET A 521 11.11 7.61 -15.39
C MET A 521 12.55 7.25 -15.74
N VAL A 522 13.14 6.37 -14.95
CA VAL A 522 14.48 5.93 -15.28
C VAL A 522 14.47 5.23 -16.62
N GLN A 523 13.54 4.32 -16.75
CA GLN A 523 13.52 3.56 -18.00
C GLN A 523 13.25 4.48 -19.16
N ALA A 524 12.43 5.52 -18.97
CA ALA A 524 12.14 6.39 -20.10
C ALA A 524 13.32 7.26 -20.44
N TYR A 525 13.89 7.88 -19.40
CA TYR A 525 15.10 8.67 -19.58
C TYR A 525 16.21 7.88 -20.27
N GLN A 526 16.47 6.66 -19.86
CA GLN A 526 17.58 5.90 -20.48
C GLN A 526 17.28 5.48 -21.90
N HIS A 527 16.03 5.44 -22.32
CA HIS A 527 15.76 5.07 -23.70
C HIS A 527 15.51 6.36 -24.49
N ASN A 528 15.86 7.51 -23.89
CA ASN A 528 15.68 8.79 -24.50
C ASN A 528 14.28 9.14 -24.86
N ILE A 529 13.32 8.74 -24.05
CA ILE A 529 11.91 9.06 -24.28
C ILE A 529 11.52 10.26 -23.45
N LEU A 530 11.00 11.27 -24.11
CA LEU A 530 10.48 12.46 -23.46
C LEU A 530 9.30 12.09 -22.56
N LEU A 531 9.36 12.53 -21.32
CA LEU A 531 8.30 12.29 -20.40
C LEU A 531 7.04 13.11 -20.71
N PRO A 532 5.90 12.44 -20.63
CA PRO A 532 4.64 13.20 -20.68
C PRO A 532 4.53 14.02 -19.41
N ASN A 533 3.87 15.17 -19.50
CA ASN A 533 3.39 15.90 -18.34
C ASN A 533 2.31 15.15 -17.56
N LYS A 534 2.18 15.54 -16.31
CA LYS A 534 1.18 14.95 -15.41
C LYS A 534 -0.20 15.22 -15.91
N HIS A 535 -1.00 14.16 -15.88
CA HIS A 535 -2.38 14.15 -16.25
C HIS A 535 -3.20 14.94 -15.29
N THR A 536 -4.16 15.65 -15.82
CA THR A 536 -5.09 16.35 -14.99
C THR A 536 -6.51 15.94 -15.44
N ASP A 537 -7.34 15.49 -14.49
CA ASP A 537 -8.71 14.96 -14.79
C ASP A 537 -9.56 16.08 -15.34
N PRO A 538 -10.44 15.78 -16.31
CA PRO A 538 -11.33 16.88 -16.75
C PRO A 538 -12.25 17.33 -15.59
N ILE A 539 -12.50 18.61 -15.50
CA ILE A 539 -13.34 19.11 -14.41
C ILE A 539 -14.82 18.60 -14.51
N GLU A 540 -15.34 18.49 -15.73
CA GLU A 540 -16.65 17.94 -15.96
C GLU A 540 -16.71 17.12 -17.23
N ARG A 541 -17.25 15.91 -17.14
CA ARG A 541 -17.55 15.13 -18.34
C ARG A 541 -19.05 14.85 -18.42
N PHE A 542 -19.54 14.73 -19.66
CA PHE A 542 -20.93 14.50 -20.00
C PHE A 542 -21.09 13.18 -20.75
N TYR A 543 -22.20 12.47 -20.50
CA TYR A 543 -22.54 11.29 -21.30
C TYR A 543 -24.02 11.42 -21.67
N ASP A 544 -24.35 11.25 -22.97
CA ASP A 544 -25.72 11.38 -23.48
C ASP A 544 -26.37 12.67 -23.00
N GLY A 545 -25.59 13.75 -22.93
CA GLY A 545 -26.12 15.04 -22.45
C GLY A 545 -26.25 15.18 -20.94
N HIS A 546 -25.86 14.16 -20.16
CA HIS A 546 -25.92 14.20 -18.71
C HIS A 546 -24.55 14.49 -18.16
N LEU A 547 -24.50 15.21 -17.05
CA LEU A 547 -23.25 15.41 -16.35
C LEU A 547 -22.93 14.16 -15.56
N LEU A 548 -21.68 13.71 -15.66
CA LEU A 548 -21.21 12.53 -14.93
C LEU A 548 -20.82 12.94 -13.55
N GLU A 549 -21.29 12.23 -12.53
CA GLU A 549 -20.74 12.36 -11.20
C GLU A 549 -19.39 11.60 -11.12
N SER A 550 -19.30 10.42 -11.73
CA SER A 550 -18.02 9.65 -11.78
C SER A 550 -18.02 8.67 -12.95
N GLU A 551 -16.83 8.23 -13.37
CA GLU A 551 -16.74 7.19 -14.33
C GLU A 551 -15.54 6.34 -14.06
N THR A 552 -15.69 5.06 -14.36
CA THR A 552 -14.73 4.04 -13.94
C THR A 552 -14.94 2.87 -14.92
N TYR A 553 -14.39 1.71 -14.60
CA TYR A 553 -14.54 0.49 -15.40
C TYR A 553 -14.87 -0.58 -14.44
N VAL A 554 -15.45 -1.67 -14.97
CA VAL A 554 -15.76 -2.83 -14.17
C VAL A 554 -14.45 -3.54 -13.79
N GLY A 555 -14.31 -3.88 -12.52
CA GLY A 555 -13.05 -4.46 -12.04
C GLY A 555 -13.05 -5.97 -11.91
N GLY A 556 -12.53 -6.46 -10.80
CA GLY A 556 -12.43 -7.92 -10.63
C GLY A 556 -13.78 -8.59 -10.48
N HIS A 557 -13.81 -9.89 -10.76
CA HIS A 557 -15.01 -10.63 -10.70
C HIS A 557 -14.98 -11.45 -9.46
N VAL A 558 -16.09 -11.42 -8.71
CA VAL A 558 -16.20 -12.15 -7.46
C VAL A 558 -17.49 -12.92 -7.35
N GLU A 559 -17.43 -14.13 -6.81
CA GLU A 559 -18.64 -14.97 -6.63
C GLU A 559 -18.61 -15.77 -5.32
N SER A 560 -19.76 -15.77 -4.65
CA SER A 560 -20.04 -16.67 -3.60
C SER A 560 -20.95 -17.78 -4.16
N LEU A 561 -20.49 -19.01 -4.14
CA LEU A 561 -21.22 -20.15 -4.73
C LEU A 561 -21.80 -21.06 -3.67
N GLU A 562 -21.09 -21.23 -2.56
CA GLU A 562 -21.56 -22.11 -1.52
C GLU A 562 -21.16 -21.64 -0.13
N ALA A 563 -21.99 -22.01 0.85
CA ALA A 563 -21.71 -21.81 2.20
C ALA A 563 -21.69 -23.17 2.89
N GLY A 564 -21.15 -23.21 4.10
CA GLY A 564 -21.05 -24.52 4.80
C GLY A 564 -19.67 -24.86 5.32
N VAL A 565 -19.59 -26.03 5.94
CA VAL A 565 -18.36 -26.58 6.46
C VAL A 565 -17.99 -27.62 5.46
N PHE A 566 -16.70 -27.64 5.09
CA PHE A 566 -16.10 -28.62 4.21
C PHE A 566 -14.84 -29.18 4.88
N ARG A 567 -14.70 -30.49 4.93
CA ARG A 567 -13.62 -31.12 5.67
C ARG A 567 -13.16 -32.39 5.00
N SER A 568 -11.86 -32.67 5.08
CA SER A 568 -11.22 -33.74 4.34
C SER A 568 -11.65 -35.11 4.83
N ASP A 569 -12.30 -35.16 5.98
CA ASP A 569 -12.77 -36.41 6.53
C ASP A 569 -14.30 -36.49 6.52
N LEU A 570 -14.99 -35.57 5.83
CA LEU A 570 -16.44 -35.67 5.64
C LEU A 570 -16.78 -35.68 4.16
N LYS A 571 -17.72 -36.53 3.78
CA LYS A 571 -18.01 -36.77 2.39
C LYS A 571 -18.94 -35.76 1.86
N ASN A 572 -18.78 -35.47 0.59
CA ASN A 572 -19.67 -34.58 -0.13
C ASN A 572 -20.18 -35.28 -1.37
N GLU A 573 -21.35 -34.84 -1.79
CA GLU A 573 -21.97 -35.30 -3.03
C GLU A 573 -21.42 -34.51 -4.21
N PHE A 574 -20.96 -35.25 -5.22
CA PHE A 574 -20.56 -34.67 -6.51
C PHE A 574 -21.39 -35.19 -7.66
N LYS A 575 -21.73 -34.31 -8.58
CA LYS A 575 -22.34 -34.67 -9.86
C LYS A 575 -21.46 -34.28 -11.03
N ILE A 576 -20.68 -35.23 -11.54
CA ILE A 576 -19.77 -34.95 -12.66
C ILE A 576 -20.49 -34.98 -14.00
N ASP A 577 -20.32 -33.90 -14.77
CA ASP A 577 -20.71 -33.81 -16.18
C ASP A 577 -19.78 -34.70 -17.05
N PRO A 578 -20.29 -35.86 -17.50
CA PRO A 578 -19.41 -36.75 -18.28
C PRO A 578 -18.83 -36.11 -19.55
N SER A 579 -19.52 -35.13 -20.15
CA SER A 579 -18.98 -34.49 -21.35
C SER A 579 -17.77 -33.55 -21.04
N ALA A 580 -17.60 -33.20 -19.75
CA ALA A 580 -16.42 -32.52 -19.29
C ALA A 580 -15.26 -33.47 -19.25
N ILE A 581 -15.52 -34.67 -18.73
CA ILE A 581 -14.48 -35.67 -18.65
C ILE A 581 -13.97 -36.04 -20.04
N ASP A 582 -14.86 -36.00 -21.01
CA ASP A 582 -14.51 -36.40 -22.38
C ASP A 582 -13.56 -35.36 -23.00
N GLU A 583 -13.89 -34.07 -22.82
CA GLU A 583 -12.99 -32.95 -23.21
C GLU A 583 -11.62 -33.08 -22.53
N LEU A 584 -11.61 -33.38 -21.23
CA LEU A 584 -10.32 -33.55 -20.56
C LEU A 584 -9.50 -34.64 -21.18
N LEU A 585 -10.15 -35.78 -21.38
CA LEU A 585 -9.51 -36.93 -22.04
C LEU A 585 -9.00 -36.59 -23.43
N GLN A 586 -9.76 -35.85 -24.16
CA GLN A 586 -9.35 -35.45 -25.49
C GLN A 586 -8.08 -34.55 -25.40
N GLU A 587 -8.10 -33.59 -24.47
CA GLU A 587 -7.00 -32.61 -24.36
C GLU A 587 -5.76 -33.23 -23.72
N LEU A 588 -5.94 -34.40 -23.09
CA LEU A 588 -4.93 -34.91 -22.20
C LEU A 588 -3.53 -35.01 -22.79
N PRO A 589 -3.38 -35.60 -24.00
CA PRO A 589 -2.02 -35.67 -24.58
C PRO A 589 -1.35 -34.27 -24.74
N GLU A 590 -2.02 -33.29 -25.30
CA GLU A 590 -1.44 -31.97 -25.43
C GLU A 590 -1.26 -31.24 -24.06
N ALA A 591 -2.16 -31.51 -23.09
CA ALA A 591 -2.06 -30.94 -21.75
C ALA A 591 -0.82 -31.42 -20.97
N LEU A 592 -0.45 -32.71 -21.06
CA LEU A 592 0.73 -33.22 -20.39
C LEU A 592 2.01 -32.76 -21.07
N LYS A 593 1.95 -32.63 -22.39
CA LYS A 593 3.06 -32.15 -23.16
C LYS A 593 3.35 -30.72 -22.77
N PHE A 594 2.28 -29.94 -22.62
CA PHE A 594 2.36 -28.51 -22.19
C PHE A 594 2.97 -28.42 -20.81
N SER A 595 2.49 -29.23 -19.86
CA SER A 595 3.15 -29.35 -18.55
C SER A 595 4.67 -29.56 -18.58
N VAL A 596 5.11 -30.45 -19.46
CA VAL A 596 6.54 -30.78 -19.55
C VAL A 596 7.32 -29.67 -20.19
N GLU A 597 6.75 -29.12 -21.26
CA GLU A 597 7.51 -28.25 -22.14
C GLU A 597 7.29 -26.78 -21.86
N VAL A 598 6.09 -26.38 -21.47
CA VAL A 598 5.89 -24.98 -21.12
C VAL A 598 5.96 -24.74 -19.63
N GLU A 599 5.17 -25.45 -18.82
CA GLU A 599 5.27 -25.29 -17.34
C GLU A 599 6.64 -25.68 -16.76
N ASN A 600 7.29 -26.74 -17.24
CA ASN A 600 8.58 -27.20 -16.65
C ASN A 600 9.82 -26.87 -17.52
N LYS A 601 9.61 -26.30 -18.70
CA LYS A 601 10.70 -25.97 -19.65
C LYS A 601 11.59 -27.17 -20.00
N SER A 602 10.97 -28.31 -20.32
CA SER A 602 11.73 -29.51 -20.68
C SER A 602 11.26 -30.07 -22.01
N SER A 603 11.55 -31.34 -22.26
CA SER A 603 11.11 -32.01 -23.51
C SER A 603 10.65 -33.40 -23.21
N VAL A 604 9.55 -33.75 -23.81
CA VAL A 604 8.97 -35.03 -23.55
C VAL A 604 10.03 -36.04 -23.87
N ASP A 605 10.74 -35.79 -24.95
CA ASP A 605 11.92 -36.53 -25.31
C ASP A 605 12.71 -37.09 -24.15
N LYS A 606 12.96 -36.31 -23.13
CA LYS A 606 13.79 -36.77 -22.03
C LYS A 606 13.02 -37.34 -20.87
N VAL A 607 11.74 -37.58 -21.07
CA VAL A 607 10.87 -38.09 -20.02
C VAL A 607 10.79 -39.58 -20.12
N THR A 608 11.01 -40.25 -19.00
CA THR A 608 11.01 -41.70 -18.90
C THR A 608 9.62 -42.29 -18.89
N ASN A 609 8.71 -41.66 -18.14
CA ASN A 609 7.47 -42.33 -17.77
C ASN A 609 6.28 -41.59 -18.27
N PHE A 610 6.42 -40.95 -19.41
CA PHE A 610 5.34 -40.14 -19.93
C PHE A 610 4.06 -40.96 -20.05
N GLU A 611 4.14 -42.13 -20.66
CA GLU A 611 2.93 -42.92 -20.97
C GLU A 611 2.36 -43.52 -19.68
N GLU A 612 3.20 -43.85 -18.72
CA GLU A 612 2.67 -44.40 -17.49
C GLU A 612 1.71 -43.38 -16.83
N ILE A 613 2.27 -42.19 -16.53
CA ILE A 613 1.50 -41.06 -15.96
C ILE A 613 0.21 -40.89 -16.73
N LYS A 614 0.29 -40.93 -18.04
CA LYS A 614 -0.88 -40.65 -18.85
C LYS A 614 -1.94 -41.76 -18.75
N ASN A 615 -1.52 -43.02 -18.55
CA ASN A 615 -2.52 -44.08 -18.30
C ASN A 615 -3.18 -43.86 -16.97
N GLN A 616 -2.39 -43.49 -15.98
CA GLN A 616 -2.87 -43.39 -14.61
C GLN A 616 -3.97 -42.37 -14.52
N ILE A 617 -3.81 -41.29 -15.27
CA ILE A 617 -4.81 -40.22 -15.26
C ILE A 617 -6.02 -40.65 -16.04
N THR A 618 -5.76 -41.26 -17.19
CA THR A 618 -6.84 -41.69 -18.06
C THR A 618 -7.81 -42.59 -17.28
N GLN A 619 -7.26 -43.51 -16.48
CA GLN A 619 -8.10 -44.46 -15.68
C GLN A 619 -8.95 -43.75 -14.64
N LYS A 620 -8.39 -42.73 -13.99
CA LYS A 620 -9.16 -42.03 -12.96
C LYS A 620 -10.26 -41.28 -13.60
N LEU A 621 -10.02 -40.75 -14.80
CA LEU A 621 -11.02 -39.94 -15.48
C LEU A 621 -12.12 -40.84 -16.01
N LEU A 622 -11.71 -41.98 -16.56
CA LEU A 622 -12.69 -42.98 -17.06
C LEU A 622 -13.60 -43.44 -15.95
N GLU A 623 -13.04 -43.69 -14.78
CA GLU A 623 -13.82 -44.01 -13.58
C GLU A 623 -14.86 -42.89 -13.24
N LEU A 624 -14.42 -41.63 -13.17
CA LEU A 624 -15.35 -40.53 -12.95
C LEU A 624 -16.44 -40.43 -14.01
N LYS A 625 -16.05 -40.72 -15.25
CA LYS A 625 -17.00 -40.66 -16.39
C LYS A 625 -18.12 -41.72 -16.28
N GLU A 626 -17.74 -42.96 -15.96
CA GLU A 626 -18.72 -44.03 -15.74
C GLU A 626 -19.56 -43.71 -14.55
N ASN A 627 -18.91 -43.60 -13.38
CA ASN A 627 -19.56 -43.41 -12.09
C ASN A 627 -19.49 -41.92 -11.70
N ASN A 628 -20.42 -41.16 -12.27
CA ASN A 628 -20.38 -39.72 -12.17
C ASN A 628 -21.26 -39.14 -11.08
N ILE A 629 -22.13 -39.95 -10.48
CA ILE A 629 -22.83 -39.52 -9.28
C ILE A 629 -22.14 -40.15 -8.10
N ARG A 630 -21.36 -39.36 -7.37
CA ARG A 630 -20.50 -39.91 -6.33
C ARG A 630 -20.66 -39.21 -4.98
N ASN A 631 -20.35 -39.97 -3.93
CA ASN A 631 -20.38 -39.46 -2.60
C ASN A 631 -19.09 -39.84 -1.95
N GLU A 632 -18.19 -38.88 -1.80
CA GLU A 632 -16.88 -39.22 -1.27
C GLU A 632 -16.19 -38.03 -0.60
N LEU A 633 -14.99 -38.27 -0.10
CA LEU A 633 -14.25 -37.29 0.62
C LEU A 633 -13.71 -36.25 -0.37
N PRO A 634 -13.66 -34.98 0.02
CA PRO A 634 -13.22 -34.00 -0.95
C PRO A 634 -11.72 -33.77 -0.84
N LEU A 635 -11.17 -33.10 -1.86
CA LEU A 635 -9.87 -32.44 -1.78
C LEU A 635 -10.16 -30.94 -1.83
N ILE A 636 -9.80 -30.21 -0.78
CA ILE A 636 -10.05 -28.78 -0.68
C ILE A 636 -8.83 -28.05 -1.31
N TYR A 637 -8.99 -27.53 -2.51
CA TYR A 637 -7.92 -26.84 -3.22
C TYR A 637 -8.17 -25.34 -3.43
N HIS A 638 -7.09 -24.57 -3.59
CA HIS A 638 -7.11 -23.22 -4.00
C HIS A 638 -6.28 -23.12 -5.28
N VAL A 639 -6.85 -22.55 -6.35
CA VAL A 639 -6.02 -22.22 -7.49
C VAL A 639 -6.07 -20.74 -7.83
N ASP A 640 -4.91 -20.15 -8.15
CA ASP A 640 -4.74 -18.69 -8.20
C ASP A 640 -3.69 -18.34 -9.22
N VAL A 641 -4.00 -17.45 -10.10
CA VAL A 641 -3.01 -16.98 -11.02
C VAL A 641 -1.83 -16.23 -10.36
N ALA A 642 -0.64 -16.66 -10.67
CA ALA A 642 0.61 -15.97 -10.33
C ALA A 642 0.63 -14.56 -10.90
N SER A 643 0.78 -13.54 -10.08
CA SER A 643 0.80 -12.14 -10.48
C SER A 643 -0.16 -11.76 -11.64
N MET A 644 -1.45 -11.89 -11.44
CA MET A 644 -2.40 -11.89 -12.51
C MET A 644 -2.37 -10.70 -13.45
N TYR A 645 -2.58 -9.51 -12.96
CA TYR A 645 -2.68 -8.36 -13.82
C TYR A 645 -1.37 -8.07 -14.46
N PRO A 646 -0.26 -8.16 -13.71
CA PRO A 646 0.99 -7.89 -14.47
C PRO A 646 1.22 -8.83 -15.63
N ASN A 647 0.87 -10.09 -15.46
CA ASN A 647 1.05 -11.04 -16.54
C ASN A 647 0.07 -10.86 -17.70
N ILE A 648 -1.15 -10.39 -17.42
CA ILE A 648 -2.10 -10.07 -18.47
C ILE A 648 -1.53 -8.94 -19.28
N MET A 649 -0.93 -7.97 -18.57
CA MET A 649 -0.34 -6.81 -19.19
C MET A 649 0.84 -7.20 -20.07
N THR A 650 1.76 -7.97 -19.54
CA THR A 650 2.93 -8.35 -20.38
C THR A 650 2.51 -9.31 -21.53
N THR A 651 1.55 -10.19 -21.30
CA THR A 651 1.05 -11.09 -22.38
C THR A 651 0.46 -10.31 -23.51
N ASN A 652 -0.41 -9.34 -23.21
CA ASN A 652 -1.04 -8.47 -24.22
C ASN A 652 -0.34 -7.20 -24.63
N ARG A 653 0.85 -7.02 -24.09
CA ARG A 653 1.71 -5.87 -24.38
C ARG A 653 1.02 -4.59 -24.09
N LEU A 654 0.26 -4.64 -23.03
CA LEU A 654 -0.49 -3.47 -22.58
C LEU A 654 0.34 -2.45 -21.84
N GLN A 655 0.28 -1.19 -22.28
CA GLN A 655 0.83 -0.02 -21.58
C GLN A 655 0.13 1.17 -22.11
N PRO A 656 0.12 2.30 -21.39
CA PRO A 656 -0.68 3.45 -21.86
C PRO A 656 -0.36 3.99 -23.23
N ASP A 657 0.92 3.99 -23.59
CA ASP A 657 1.31 4.56 -24.85
C ASP A 657 0.96 3.67 -26.01
N SER A 658 0.60 2.42 -25.77
CA SER A 658 0.23 1.54 -26.83
C SER A 658 -1.24 1.66 -27.21
N ILE A 659 -2.04 2.39 -26.39
CA ILE A 659 -3.49 2.52 -26.65
C ILE A 659 -3.62 3.58 -27.72
N LYS A 660 -4.07 3.15 -28.90
CA LYS A 660 -4.25 4.05 -30.03
C LYS A 660 -5.72 4.27 -30.34
N ALA A 661 -6.11 5.53 -30.55
CA ALA A 661 -7.49 5.86 -30.86
C ALA A 661 -7.63 6.27 -32.32
N GLU A 662 -7.28 5.37 -33.23
CA GLU A 662 -7.36 5.62 -34.65
C GLU A 662 -6.21 6.51 -35.13
N ARG A 663 -5.22 6.69 -34.27
CA ARG A 663 -4.06 7.50 -34.59
C ARG A 663 -2.89 7.21 -33.65
N ASP A 664 -1.70 7.04 -34.23
CA ASP A 664 -1.52 7.14 -35.67
C ASP A 664 -0.40 6.22 -36.15
N CYS A 665 -0.42 4.97 -35.68
CA CYS A 665 0.58 4.00 -36.06
C CYS A 665 0.86 4.03 -37.56
N ALA A 666 -0.14 4.47 -38.32
CA ALA A 666 -0.01 4.55 -39.77
C ALA A 666 0.37 3.32 -40.61
N SER A 667 -0.48 2.30 -40.58
CA SER A 667 -1.73 2.38 -39.81
C SER A 667 -1.92 1.23 -38.82
N CYS A 668 -2.68 1.50 -37.77
CA CYS A 668 -3.01 0.52 -36.75
C CYS A 668 -4.49 0.13 -36.82
N THR A 676 -0.15 -6.06 -40.08
CA THR A 676 -1.40 -6.28 -39.35
C THR A 676 -1.56 -5.36 -38.10
N CYS A 677 -0.67 -5.56 -37.10
CA CYS A 677 -0.34 -4.62 -35.96
C CYS A 677 -1.33 -4.36 -34.76
N ALA A 678 -2.58 -4.08 -35.07
CA ALA A 678 -3.54 -3.66 -34.05
C ALA A 678 -4.11 -4.90 -33.30
N ARG A 679 -4.07 -4.90 -31.98
CA ARG A 679 -4.75 -5.93 -31.21
C ARG A 679 -5.88 -5.28 -30.53
N LYS A 680 -7.11 -5.67 -30.88
CA LYS A 680 -8.32 -5.04 -30.30
C LYS A 680 -8.75 -5.80 -29.09
N LEU A 681 -9.10 -5.08 -28.03
CA LEU A 681 -9.42 -5.73 -26.78
C LEU A 681 -10.58 -5.01 -26.14
N LYS A 682 -11.35 -5.75 -25.38
CA LYS A 682 -12.56 -5.23 -24.79
C LYS A 682 -12.32 -4.73 -23.37
N TRP A 683 -13.03 -3.66 -23.00
CA TRP A 683 -13.23 -3.25 -21.61
C TRP A 683 -14.69 -2.85 -21.37
N ALA A 684 -15.08 -2.78 -20.09
CA ALA A 684 -16.40 -2.37 -19.68
C ALA A 684 -16.37 -1.06 -18.88
N TRP A 685 -16.89 0.01 -19.48
CA TRP A 685 -16.90 1.34 -18.94
C TRP A 685 -18.15 1.45 -18.11
N ARG A 686 -18.10 2.15 -16.96
CA ARG A 686 -19.27 2.34 -16.15
C ARG A 686 -19.34 3.76 -15.70
N GLY A 687 -20.39 4.47 -16.11
CA GLY A 687 -20.63 5.80 -15.67
C GLY A 687 -21.74 5.92 -14.66
N GLU A 688 -21.64 6.94 -13.82
CA GLU A 688 -22.71 7.33 -12.92
C GLU A 688 -23.01 8.81 -13.10
N PHE A 689 -24.26 9.10 -13.44
CA PHE A 689 -24.61 10.43 -13.93
C PHE A 689 -25.97 10.91 -13.40
N PHE A 690 -26.14 12.24 -13.30
CA PHE A 690 -27.43 12.84 -12.91
C PHE A 690 -28.49 12.61 -13.98
N PRO A 691 -29.73 12.30 -13.57
CA PRO A 691 -30.87 12.23 -14.49
C PRO A 691 -31.08 13.49 -15.35
N SER A 692 -30.76 14.65 -14.79
CA SER A 692 -31.02 15.94 -15.42
C SER A 692 -30.46 16.02 -16.80
N LYS A 693 -31.04 16.89 -17.63
CA LYS A 693 -30.57 17.04 -19.01
C LYS A 693 -29.80 18.33 -19.16
N MET A 694 -29.18 18.50 -20.33
CA MET A 694 -28.31 19.67 -20.56
C MET A 694 -29.04 20.95 -20.31
N ASP A 695 -30.23 21.05 -20.90
CA ASP A 695 -31.10 22.20 -20.72
C ASP A 695 -31.35 22.52 -19.23
N GLU A 696 -31.49 21.50 -18.41
CA GLU A 696 -31.66 21.70 -16.94
C GLU A 696 -30.28 21.90 -16.21
N TYR A 697 -29.19 21.42 -16.83
CA TYR A 697 -27.88 21.81 -16.34
C TYR A 697 -27.75 23.33 -16.54
N ASN A 698 -28.13 23.81 -17.74
CA ASN A 698 -27.96 25.23 -18.07
C ASN A 698 -28.82 26.12 -17.20
N MET A 699 -29.97 25.60 -16.80
CA MET A 699 -30.89 26.25 -15.86
C MET A 699 -30.31 26.50 -14.51
N ILE A 700 -29.65 25.49 -13.97
CA ILE A 700 -29.10 25.54 -12.62
C ILE A 700 -27.95 26.55 -12.51
N LYS A 701 -27.16 26.64 -13.59
CA LYS A 701 -26.07 27.60 -13.73
C LYS A 701 -26.55 29.03 -13.55
N ARG A 702 -27.49 29.49 -14.38
CA ARG A 702 -27.99 30.88 -14.22
C ARG A 702 -28.61 31.13 -12.81
N ALA A 703 -29.29 30.16 -12.23
CA ALA A 703 -29.73 30.31 -10.84
C ALA A 703 -28.57 30.50 -9.85
N LEU A 704 -27.44 29.84 -10.11
CA LEU A 704 -26.22 30.10 -9.31
C LEU A 704 -25.56 31.46 -9.61
N GLN A 705 -25.52 31.87 -10.89
CA GLN A 705 -25.10 33.25 -11.26
C GLN A 705 -25.85 34.41 -10.58
N ASN A 706 -26.97 34.15 -9.93
CA ASN A 706 -27.62 35.18 -9.13
C ASN A 706 -27.17 35.16 -7.70
N GLU A 707 -26.20 34.31 -7.39
CA GLU A 707 -25.83 34.13 -6.02
C GLU A 707 -24.49 34.76 -5.62
N THR A 708 -24.31 34.88 -4.32
CA THR A 708 -23.09 35.42 -3.70
C THR A 708 -22.33 34.27 -3.04
N PHE A 709 -21.00 34.32 -3.10
CA PHE A 709 -20.14 33.26 -2.52
C PHE A 709 -18.99 33.89 -1.73
N PRO A 710 -18.47 33.18 -0.70
CA PRO A 710 -17.36 33.69 0.12
C PRO A 710 -16.02 33.45 -0.51
N ASN A 711 -15.17 34.48 -0.55
CA ASN A 711 -13.80 34.33 -1.01
C ASN A 711 -13.04 33.35 -0.09
N LYS A 712 -12.68 32.19 -0.65
CA LYS A 712 -11.93 31.15 0.07
C LYS A 712 -10.52 31.59 0.40
N ASN A 713 -9.94 32.47 -0.41
CA ASN A 713 -8.59 32.95 -0.18
C ASN A 713 -8.59 33.95 0.98
N LYS A 714 -7.79 33.61 1.99
CA LYS A 714 -7.76 34.31 3.28
C LYS A 714 -6.88 35.58 3.19
N PHE A 715 -5.87 35.55 2.33
CA PHE A 715 -4.97 36.70 2.10
C PHE A 715 -5.67 37.99 1.61
N SER A 716 -6.93 37.93 1.18
CA SER A 716 -7.59 39.06 0.51
C SER A 716 -8.66 39.79 1.35
N LYS A 717 -8.70 41.13 1.21
CA LYS A 717 -9.74 42.02 1.81
C LYS A 717 -11.15 41.86 1.26
N LYS A 718 -11.27 41.21 0.10
CA LYS A 718 -12.58 41.05 -0.57
C LYS A 718 -13.15 39.69 -0.17
N LYS A 719 -14.33 39.65 0.44
CA LYS A 719 -14.89 38.35 0.89
C LYS A 719 -16.26 37.94 0.28
N VAL A 720 -16.77 38.76 -0.64
CA VAL A 720 -17.90 38.38 -1.52
C VAL A 720 -17.42 38.29 -2.98
N LEU A 721 -17.92 37.28 -3.66
CA LEU A 721 -17.52 36.93 -5.02
C LEU A 721 -18.75 36.53 -5.79
N THR A 722 -18.82 36.93 -7.05
CA THR A 722 -19.83 36.39 -7.95
C THR A 722 -19.46 34.99 -8.42
N PHE A 723 -20.46 34.27 -8.86
CA PHE A 723 -20.31 32.95 -9.44
C PHE A 723 -19.26 32.90 -10.53
N ASP A 724 -19.31 33.88 -11.44
CA ASP A 724 -18.36 33.92 -12.53
C ASP A 724 -16.91 34.08 -12.07
N GLU A 725 -16.67 34.73 -10.93
CA GLU A 725 -15.30 34.88 -10.40
C GLU A 725 -14.66 33.64 -9.74
N LEU A 726 -15.47 32.69 -9.30
CA LEU A 726 -14.96 31.40 -8.80
C LEU A 726 -14.25 30.65 -9.92
N SER A 727 -13.34 29.74 -9.57
CA SER A 727 -12.64 28.97 -10.60
C SER A 727 -13.62 27.96 -11.19
N TYR A 728 -13.27 27.45 -12.37
CA TYR A 728 -14.06 26.46 -13.06
C TYR A 728 -14.42 25.36 -12.08
N ALA A 729 -13.38 24.91 -11.37
CA ALA A 729 -13.49 23.77 -10.51
C ALA A 729 -14.53 23.98 -9.42
N ASP A 730 -14.46 25.10 -8.72
CA ASP A 730 -15.41 25.40 -7.65
C ASP A 730 -16.83 25.65 -8.16
N GLN A 731 -16.97 26.37 -9.28
CA GLN A 731 -18.25 26.52 -10.01
C GLN A 731 -18.90 25.15 -10.15
N VAL A 732 -18.13 24.20 -10.64
CA VAL A 732 -18.67 22.86 -10.86
C VAL A 732 -19.09 22.18 -9.58
N ILE A 733 -18.32 22.35 -8.52
CA ILE A 733 -18.69 21.74 -7.25
C ILE A 733 -20.10 22.23 -6.85
N HIS A 734 -20.33 23.53 -6.89
CA HIS A 734 -21.64 24.05 -6.58
C HIS A 734 -22.70 23.53 -7.51
N ILE A 735 -22.37 23.38 -8.79
CA ILE A 735 -23.35 22.86 -9.74
C ILE A 735 -23.76 21.47 -9.34
N LYS A 736 -22.79 20.60 -9.13
CA LYS A 736 -23.05 19.26 -8.68
C LYS A 736 -24.03 19.23 -7.53
N LYS A 737 -23.79 19.99 -6.47
CA LYS A 737 -24.64 19.96 -5.27
C LYS A 737 -26.06 20.39 -5.56
N ARG A 738 -26.23 21.39 -6.42
CA ARG A 738 -27.56 21.85 -6.77
C ARG A 738 -28.23 20.88 -7.73
N LEU A 739 -27.44 20.22 -8.54
CA LEU A 739 -27.99 19.17 -9.39
C LEU A 739 -28.38 17.92 -8.62
N THR A 740 -27.72 17.61 -7.50
CA THR A 740 -28.17 16.49 -6.66
C THR A 740 -29.65 16.67 -6.29
N GLU A 741 -29.95 17.80 -5.66
CA GLU A 741 -31.31 18.09 -5.19
C GLU A 741 -32.32 18.21 -6.34
N TYR A 742 -32.08 19.02 -7.36
CA TYR A 742 -33.01 19.03 -8.49
C TYR A 742 -33.39 17.66 -9.05
N SER A 743 -32.45 16.71 -9.08
CA SER A 743 -32.72 15.36 -9.60
C SER A 743 -33.60 14.49 -8.71
N ARG A 744 -33.37 14.54 -7.42
CA ARG A 744 -34.15 13.76 -6.50
C ARG A 744 -35.61 13.99 -6.83
N LYS A 745 -35.90 15.29 -6.72
CA LYS A 745 -37.20 15.89 -6.81
C LYS A 745 -37.86 15.49 -8.07
N VAL A 746 -37.24 15.82 -9.18
CA VAL A 746 -37.86 15.57 -10.46
C VAL A 746 -37.90 14.10 -10.92
N TYR A 747 -37.09 13.22 -10.35
CA TYR A 747 -36.65 12.05 -11.13
C TYR A 747 -36.78 10.54 -10.81
N HIS A 748 -36.41 10.07 -9.64
CA HIS A 748 -36.19 10.84 -8.48
C HIS A 748 -35.01 10.25 -7.71
N ARG A 749 -33.80 10.40 -8.23
CA ARG A 749 -32.58 10.07 -7.45
C ARG A 749 -31.32 10.78 -7.90
N VAL A 750 -30.19 10.48 -7.28
CA VAL A 750 -28.93 11.07 -7.72
C VAL A 750 -28.35 10.43 -8.97
N LYS A 751 -27.77 9.27 -8.80
CA LYS A 751 -27.06 8.60 -9.83
C LYS A 751 -27.90 7.68 -10.66
N VAL A 752 -27.60 7.63 -11.94
CA VAL A 752 -28.01 6.55 -12.80
C VAL A 752 -26.70 5.94 -13.24
N SER A 753 -26.64 4.63 -13.26
CA SER A 753 -25.40 3.94 -13.49
C SER A 753 -25.61 3.21 -14.80
N GLU A 754 -24.61 3.17 -15.66
CA GLU A 754 -24.75 2.42 -16.88
C GLU A 754 -23.39 1.85 -17.25
N ILE A 755 -23.40 0.58 -17.64
CA ILE A 755 -22.24 -0.08 -18.15
C ILE A 755 -22.31 -0.14 -19.68
N VAL A 756 -21.23 0.20 -20.35
CA VAL A 756 -21.12 0.16 -21.81
C VAL A 756 -19.88 -0.64 -22.18
N GLU A 757 -20.04 -1.62 -23.04
CA GLU A 757 -18.88 -2.35 -23.54
C GLU A 757 -18.09 -1.50 -24.52
N ARG A 758 -16.77 -1.51 -24.40
CA ARG A 758 -15.92 -0.73 -25.27
C ARG A 758 -14.77 -1.55 -25.80
N GLU A 759 -14.07 -0.95 -26.75
CA GLU A 759 -13.01 -1.61 -27.46
C GLU A 759 -11.94 -0.60 -27.68
N ALA A 760 -10.72 -1.09 -27.61
CA ALA A 760 -9.57 -0.27 -27.86
C ALA A 760 -8.50 -1.05 -28.61
N ILE A 761 -7.70 -0.32 -29.34
CA ILE A 761 -6.66 -0.88 -30.17
C ILE A 761 -5.42 -0.82 -29.33
N VAL A 762 -4.74 -1.94 -29.19
CA VAL A 762 -3.45 -1.94 -28.53
C VAL A 762 -2.38 -2.23 -29.57
N CYS A 763 -1.56 -1.24 -29.89
CA CYS A 763 -0.53 -1.40 -30.92
C CYS A 763 0.52 -2.36 -30.38
N GLN A 764 0.85 -3.36 -31.18
CA GLN A 764 1.81 -4.41 -30.82
C GLN A 764 3.27 -4.15 -31.17
N ARG A 765 3.59 -3.00 -31.74
CA ARG A 765 4.97 -2.61 -32.10
C ARG A 765 5.50 -1.37 -31.32
N GLU A 766 4.67 -0.74 -30.48
CA GLU A 766 5.06 0.48 -29.79
C GLU A 766 6.24 0.21 -28.86
N ASN A 767 7.08 1.23 -28.69
CA ASN A 767 8.22 1.15 -27.80
C ASN A 767 7.82 0.51 -26.50
N PRO A 768 8.43 -0.60 -26.11
CA PRO A 768 7.83 -1.26 -24.96
C PRO A 768 8.41 -0.91 -23.60
N PHE A 769 8.76 0.35 -23.35
CA PHE A 769 9.56 0.65 -22.13
C PHE A 769 8.73 0.43 -20.87
N TYR A 770 7.41 0.68 -20.95
CA TYR A 770 6.56 0.58 -19.82
C TYR A 770 6.38 -0.88 -19.44
N VAL A 771 5.93 -1.68 -20.38
CA VAL A 771 5.67 -3.10 -20.10
C VAL A 771 6.95 -3.83 -19.74
N ASP A 772 8.08 -3.41 -20.31
CA ASP A 772 9.39 -4.03 -19.96
C ASP A 772 9.79 -3.75 -18.47
N THR A 773 9.43 -2.56 -17.99
CA THR A 773 9.59 -2.19 -16.58
C THR A 773 8.77 -3.07 -15.63
N VAL A 774 7.60 -3.52 -16.09
CA VAL A 774 6.68 -4.37 -15.32
C VAL A 774 7.18 -5.78 -15.30
N LYS A 775 7.51 -6.29 -16.49
CA LYS A 775 8.18 -7.61 -16.55
C LYS A 775 9.40 -7.74 -15.64
N SER A 776 10.24 -6.73 -15.66
CA SER A 776 11.49 -6.82 -14.90
C SER A 776 11.17 -6.81 -13.37
N PHE A 777 10.23 -5.99 -12.93
CA PHE A 777 9.84 -5.98 -11.53
C PHE A 777 9.15 -7.28 -11.17
N ARG A 778 8.30 -7.77 -12.06
CA ARG A 778 7.69 -9.11 -11.86
C ARG A 778 8.73 -10.25 -11.61
N ASP A 779 9.82 -10.23 -12.37
CA ASP A 779 10.89 -11.23 -12.20
C ASP A 779 11.58 -11.02 -10.87
N ARG A 780 11.78 -9.77 -10.49
CA ARG A 780 12.33 -9.46 -9.20
C ARG A 780 11.44 -10.03 -8.07
N ARG A 781 10.13 -9.85 -8.18
CA ARG A 781 9.25 -10.48 -7.24
C ARG A 781 9.28 -11.99 -7.21
N TYR A 782 9.20 -12.65 -8.37
CA TYR A 782 9.25 -14.13 -8.40
C TYR A 782 10.44 -14.77 -7.63
N GLU A 783 11.63 -14.18 -7.72
CA GLU A 783 12.76 -14.72 -6.95
C GLU A 783 12.36 -14.99 -5.49
N PHE A 784 11.71 -14.03 -4.84
CA PHE A 784 11.39 -14.11 -3.42
C PHE A 784 10.17 -15.02 -3.18
N LYS A 785 9.16 -14.90 -4.06
CA LYS A 785 8.05 -15.86 -4.14
C LYS A 785 8.61 -17.30 -4.26
N GLY A 786 9.65 -17.51 -5.08
CA GLY A 786 10.25 -18.85 -5.23
C GLY A 786 10.90 -19.23 -3.89
N LEU A 787 11.76 -18.36 -3.35
CA LEU A 787 12.43 -18.67 -2.07
C LEU A 787 11.45 -18.96 -0.93
N ALA A 788 10.46 -18.11 -0.74
CA ALA A 788 9.37 -18.41 0.18
C ALA A 788 8.93 -19.88 0.08
N LYS A 789 8.62 -20.30 -1.16
CA LYS A 789 8.15 -21.66 -1.47
C LYS A 789 9.20 -22.79 -1.24
N THR A 790 10.47 -22.52 -1.59
CA THR A 790 11.52 -23.51 -1.41
C THR A 790 11.73 -23.83 0.06
N TRP A 791 11.67 -22.80 0.91
CA TRP A 791 11.85 -22.97 2.34
C TRP A 791 10.68 -23.74 2.95
N LYS A 792 9.48 -23.48 2.45
CA LYS A 792 8.29 -24.16 2.95
C LYS A 792 8.38 -25.66 2.74
N GLY A 793 8.97 -26.05 1.62
CA GLY A 793 9.15 -27.43 1.25
C GLY A 793 10.17 -28.14 2.11
N ASN A 794 11.25 -27.45 2.42
CA ASN A 794 12.34 -27.98 3.25
C ASN A 794 11.89 -28.26 4.68
N LEU A 795 11.05 -27.37 5.22
CA LEU A 795 10.54 -27.53 6.58
C LEU A 795 9.59 -28.70 6.67
N SER A 796 9.23 -29.28 5.54
CA SER A 796 8.38 -30.46 5.51
C SER A 796 9.12 -31.64 4.87
N LYS A 797 10.06 -31.30 4.00
CA LYS A 797 10.82 -32.26 3.20
C LYS A 797 11.38 -33.42 4.01
N ILE A 798 12.07 -33.02 5.09
CA ILE A 798 12.81 -33.87 6.01
C ILE A 798 13.17 -33.07 7.26
N ASP A 799 13.16 -31.75 7.13
CA ASP A 799 13.52 -30.84 8.22
C ASP A 799 12.50 -30.62 9.34
N PRO A 800 11.37 -31.30 9.26
CA PRO A 800 10.32 -31.15 10.28
C PRO A 800 10.34 -32.28 11.31
N SER A 801 11.31 -33.18 11.20
CA SER A 801 11.45 -34.29 12.12
C SER A 801 12.02 -33.85 13.46
N ASP A 802 11.16 -33.36 14.34
CA ASP A 802 11.58 -32.89 15.65
C ASP A 802 12.56 -33.87 16.30
N LYS A 803 13.45 -33.36 17.13
CA LYS A 803 13.50 -31.92 17.42
C LYS A 803 14.56 -31.22 16.57
N HIS A 804 14.28 -29.98 16.25
CA HIS A 804 15.27 -29.15 15.63
C HIS A 804 15.13 -27.68 15.93
N ALA A 805 16.14 -26.95 15.51
CA ALA A 805 16.20 -25.52 15.69
C ALA A 805 15.91 -24.91 14.35
N ARG A 806 15.03 -25.55 13.59
CA ARG A 806 14.52 -24.95 12.39
C ARG A 806 13.01 -24.90 12.44
N ASP A 807 12.42 -23.73 12.69
CA ASP A 807 12.97 -22.59 13.44
C ASP A 807 13.76 -21.56 12.62
N GLU A 808 14.83 -21.97 12.00
CA GLU A 808 15.53 -21.13 11.05
C GLU A 808 14.74 -21.06 9.74
N ALA A 809 14.16 -22.21 9.37
CA ALA A 809 13.34 -22.37 8.19
C ALA A 809 12.08 -21.58 8.30
N LYS A 810 11.53 -21.56 9.49
CA LYS A 810 10.32 -20.82 9.79
C LYS A 810 10.56 -19.32 9.75
N LYS A 811 11.75 -18.93 10.19
CA LYS A 811 12.24 -17.58 10.09
C LYS A 811 12.41 -17.13 8.66
N MET A 812 12.91 -18.05 7.83
CA MET A 812 13.03 -17.87 6.41
C MET A 812 11.66 -17.66 5.75
N ILE A 813 10.72 -18.56 6.03
CA ILE A 813 9.41 -18.43 5.50
C ILE A 813 8.84 -17.06 5.83
N VAL A 814 8.77 -16.70 7.10
CA VAL A 814 8.26 -15.37 7.44
C VAL A 814 8.98 -14.24 6.63
N LEU A 815 10.32 -14.27 6.57
CA LEU A 815 11.07 -13.25 5.84
C LEU A 815 10.77 -13.09 4.33
N TYR A 816 10.95 -14.18 3.57
CA TYR A 816 10.67 -14.20 2.14
C TYR A 816 9.20 -13.95 1.80
N ASP A 817 8.29 -14.46 2.63
CA ASP A 817 6.91 -14.02 2.55
C ASP A 817 6.76 -12.53 2.62
N SER A 818 7.44 -11.90 3.60
CA SER A 818 7.26 -10.47 3.75
C SER A 818 7.89 -9.85 2.51
N LEU A 819 9.00 -10.41 2.05
CA LEU A 819 9.69 -9.77 0.94
C LEU A 819 8.91 -9.94 -0.40
N GLN A 820 8.30 -11.10 -0.63
CA GLN A 820 7.56 -11.25 -1.87
C GLN A 820 6.31 -10.41 -1.80
N LEU A 821 5.69 -10.27 -0.62
CA LEU A 821 4.52 -9.41 -0.52
C LEU A 821 4.81 -7.91 -0.51
N ALA A 822 5.97 -7.52 0.00
CA ALA A 822 6.37 -6.12 -0.10
C ALA A 822 6.57 -5.79 -1.59
N HIS A 823 7.09 -6.75 -2.32
CA HIS A 823 7.15 -6.57 -3.78
C HIS A 823 5.79 -6.64 -4.55
N LYS A 824 4.84 -7.35 -3.99
CA LYS A 824 3.57 -7.54 -4.63
C LYS A 824 2.80 -6.21 -4.79
N VAL A 825 2.80 -5.38 -3.79
CA VAL A 825 1.99 -4.15 -3.86
C VAL A 825 2.61 -3.17 -4.86
N ILE A 826 3.94 -3.06 -4.89
CA ILE A 826 4.55 -2.18 -5.85
C ILE A 826 4.31 -2.73 -7.27
N LEU A 827 4.43 -4.04 -7.40
CA LEU A 827 4.19 -4.65 -8.69
C LEU A 827 2.77 -4.30 -9.24
N ASN A 828 1.77 -4.48 -8.39
CA ASN A 828 0.41 -4.22 -8.76
C ASN A 828 0.06 -2.77 -8.97
N SER A 829 0.84 -1.88 -8.33
CA SER A 829 0.70 -0.45 -8.57
C SER A 829 1.12 -0.03 -9.95
N PHE A 830 1.82 -0.87 -10.71
CA PHE A 830 2.10 -0.51 -12.12
C PHE A 830 0.81 -0.55 -12.96
N TYR A 831 -0.14 -1.37 -12.50
CA TYR A 831 -1.49 -1.46 -13.07
C TYR A 831 -2.24 -0.23 -12.57
N GLY A 832 -2.27 0.02 -11.27
CA GLY A 832 -3.07 1.13 -10.74
C GLY A 832 -2.55 2.49 -11.15
N TYR A 833 -1.25 2.56 -11.42
CA TYR A 833 -0.59 3.79 -11.78
C TYR A 833 -1.27 4.51 -12.93
N VAL A 834 -1.79 3.74 -13.88
CA VAL A 834 -2.39 4.32 -15.07
C VAL A 834 -3.74 5.00 -14.80
N MET A 835 -4.26 4.83 -13.59
CA MET A 835 -5.47 5.54 -13.18
C MET A 835 -5.19 6.59 -12.09
N ARG A 836 -3.93 6.81 -11.71
CA ARG A 836 -3.59 7.70 -10.54
C ARG A 836 -3.73 9.12 -10.92
N LYS A 837 -4.17 9.94 -9.98
CA LYS A 837 -4.14 11.39 -10.21
C LYS A 837 -2.72 11.86 -10.48
N GLY A 838 -2.58 12.70 -11.50
CA GLY A 838 -1.29 13.20 -11.94
C GLY A 838 -0.36 12.18 -12.58
N SER A 839 -0.88 11.01 -12.94
CA SER A 839 -0.09 10.01 -13.60
C SER A 839 0.50 10.59 -14.89
N ARG A 840 1.74 10.26 -15.17
CA ARG A 840 2.38 10.70 -16.41
C ARG A 840 1.99 9.82 -17.58
N TRP A 841 1.41 8.66 -17.28
CA TRP A 841 1.06 7.61 -18.27
C TRP A 841 -0.38 7.13 -17.90
N TYR A 842 -1.36 8.01 -18.10
CA TYR A 842 -2.77 7.80 -17.74
C TYR A 842 -3.43 7.04 -18.91
N SER A 843 -4.16 5.96 -18.61
CA SER A 843 -5.01 5.23 -19.58
C SER A 843 -6.14 4.44 -18.88
N MET A 844 -7.35 4.98 -18.88
CA MET A 844 -8.47 4.23 -18.33
C MET A 844 -8.70 2.95 -19.15
N GLU A 845 -8.50 3.02 -20.44
CA GLU A 845 -8.72 1.81 -21.28
C GLU A 845 -7.81 0.69 -20.93
N MET A 846 -6.56 0.99 -20.66
CA MET A 846 -5.57 -0.06 -20.35
C MET A 846 -5.93 -0.78 -19.09
N ALA A 847 -6.35 0.00 -18.13
CA ALA A 847 -6.78 -0.58 -16.86
C ALA A 847 -8.06 -1.40 -17.05
N GLY A 848 -9.02 -0.90 -17.83
CA GLY A 848 -10.29 -1.60 -18.05
C GLY A 848 -10.05 -2.92 -18.75
N ILE A 849 -9.16 -2.86 -19.72
CA ILE A 849 -8.87 -4.03 -20.56
C ILE A 849 -8.29 -5.15 -19.74
N THR A 850 -7.35 -4.78 -18.84
CA THR A 850 -6.73 -5.72 -17.90
C THR A 850 -7.72 -6.45 -17.03
N CYS A 851 -8.58 -5.71 -16.37
CA CYS A 851 -9.63 -6.31 -15.55
C CYS A 851 -10.62 -7.18 -16.34
N LEU A 852 -11.08 -6.74 -17.51
CA LEU A 852 -12.09 -7.59 -18.25
C LEU A 852 -11.48 -8.89 -18.71
N THR A 853 -10.24 -8.84 -19.21
CA THR A 853 -9.55 -10.06 -19.61
C THR A 853 -9.45 -10.94 -18.36
N GLY A 854 -9.07 -10.37 -17.22
CA GLY A 854 -9.00 -11.26 -16.07
C GLY A 854 -10.32 -11.86 -15.66
N ALA A 855 -11.39 -11.06 -15.67
CA ALA A 855 -12.74 -11.62 -15.42
C ALA A 855 -13.16 -12.81 -16.34
N THR A 856 -12.77 -12.73 -17.62
CA THR A 856 -13.08 -13.76 -18.65
C THR A 856 -12.24 -15.00 -18.37
N ILE A 857 -10.97 -14.78 -18.00
CA ILE A 857 -10.13 -15.91 -17.66
C ILE A 857 -10.71 -16.64 -16.48
N ILE A 858 -11.11 -15.94 -15.43
CA ILE A 858 -11.48 -16.66 -14.19
C ILE A 858 -12.87 -17.32 -14.32
N GLN A 859 -13.73 -16.81 -15.18
CA GLN A 859 -15.06 -17.44 -15.37
C GLN A 859 -14.94 -18.72 -16.19
N MET A 860 -13.97 -18.74 -17.09
CA MET A 860 -13.61 -19.91 -17.85
C MET A 860 -13.10 -20.99 -16.93
N ALA A 861 -12.26 -20.63 -15.97
CA ALA A 861 -11.79 -21.65 -15.01
C ALA A 861 -12.93 -22.16 -14.11
N ARG A 862 -13.81 -21.25 -13.70
CA ARG A 862 -14.97 -21.65 -12.90
C ARG A 862 -15.92 -22.60 -13.65
N ALA A 863 -16.08 -22.39 -14.95
CA ALA A 863 -17.01 -23.16 -15.78
C ALA A 863 -16.51 -24.57 -15.95
N LEU A 864 -15.20 -24.74 -15.95
CA LEU A 864 -14.63 -26.07 -15.90
C LEU A 864 -14.74 -26.76 -14.55
N VAL A 865 -14.25 -26.12 -13.49
CA VAL A 865 -14.23 -26.72 -12.16
C VAL A 865 -15.62 -27.24 -11.73
N GLU A 866 -16.62 -26.45 -12.06
CA GLU A 866 -18.03 -26.67 -11.80
C GLU A 866 -18.60 -27.93 -12.47
N ARG A 867 -17.92 -28.41 -13.51
CA ARG A 867 -18.34 -29.60 -14.26
C ARG A 867 -17.65 -30.81 -13.68
N VAL A 868 -16.62 -30.59 -12.89
CA VAL A 868 -15.84 -31.70 -12.36
C VAL A 868 -15.73 -31.70 -10.87
N GLY A 869 -16.37 -30.74 -10.20
CA GLY A 869 -16.21 -30.59 -8.79
C GLY A 869 -17.11 -29.51 -8.34
N ARG A 870 -16.82 -28.89 -7.19
CA ARG A 870 -17.69 -27.85 -6.70
C ARG A 870 -16.88 -26.65 -6.25
N PRO A 871 -16.94 -25.58 -7.02
CA PRO A 871 -16.34 -24.34 -6.61
C PRO A 871 -17.12 -23.71 -5.45
N LEU A 872 -16.41 -23.18 -4.43
CA LEU A 872 -17.05 -22.61 -3.25
C LEU A 872 -17.08 -21.09 -3.21
N GLU A 873 -15.97 -20.47 -3.59
CA GLU A 873 -15.81 -18.99 -3.59
C GLU A 873 -14.77 -18.63 -4.63
N LEU A 874 -14.96 -17.50 -5.29
CA LEU A 874 -14.09 -17.06 -6.43
C LEU A 874 -13.79 -15.57 -6.29
N ASP A 875 -12.56 -15.16 -6.38
CA ASP A 875 -12.22 -13.77 -6.31
C ASP A 875 -11.12 -13.37 -7.27
N THR A 876 -11.50 -12.72 -8.35
CA THR A 876 -10.64 -12.05 -9.31
C THR A 876 -9.76 -13.00 -10.13
N ASP A 877 -8.92 -13.75 -9.47
CA ASP A 877 -8.06 -14.68 -10.10
C ASP A 877 -7.86 -15.97 -9.29
N GLY A 878 -8.72 -16.20 -8.34
CA GLY A 878 -8.61 -17.35 -7.49
C GLY A 878 -9.92 -18.07 -7.20
N ILE A 879 -9.83 -19.37 -7.08
CA ILE A 879 -10.97 -20.20 -6.85
C ILE A 879 -10.62 -21.23 -5.76
N TRP A 880 -11.46 -21.21 -4.75
CA TRP A 880 -11.51 -22.23 -3.72
C TRP A 880 -12.59 -23.18 -4.18
N CYS A 881 -12.25 -24.45 -4.24
CA CYS A 881 -13.19 -25.48 -4.71
C CYS A 881 -12.97 -26.76 -3.95
N ILE A 882 -13.92 -27.68 -4.07
CA ILE A 882 -13.67 -29.06 -3.65
C ILE A 882 -13.75 -29.94 -4.89
N LEU A 883 -12.81 -30.90 -4.98
CA LEU A 883 -12.78 -31.96 -6.01
C LEU A 883 -12.99 -33.35 -5.36
N PRO A 884 -13.55 -34.32 -6.11
CA PRO A 884 -13.67 -35.70 -5.62
C PRO A 884 -12.31 -36.13 -5.31
N LYS A 885 -12.14 -36.97 -4.28
CA LYS A 885 -10.86 -37.55 -3.88
C LYS A 885 -10.25 -38.44 -4.98
N SER A 886 -11.12 -39.03 -5.79
CA SER A 886 -10.73 -39.80 -6.97
C SER A 886 -10.24 -38.97 -8.15
N PHE A 887 -10.36 -37.64 -8.07
CA PHE A 887 -9.89 -36.78 -9.20
C PHE A 887 -8.35 -36.89 -9.24
N PRO A 888 -7.81 -37.02 -10.42
CA PRO A 888 -6.37 -37.17 -10.60
C PRO A 888 -5.64 -35.94 -10.11
N GLU A 889 -4.59 -36.13 -9.35
CA GLU A 889 -3.98 -35.10 -8.55
C GLU A 889 -2.51 -34.83 -8.90
N THR A 890 -1.60 -35.38 -8.13
CA THR A 890 -0.19 -35.08 -8.29
C THR A 890 0.65 -36.24 -8.79
N TYR A 891 1.52 -35.95 -9.74
CA TYR A 891 2.46 -36.88 -10.30
C TYR A 891 3.79 -36.22 -10.51
N PHE A 892 4.74 -37.03 -10.90
CA PHE A 892 6.09 -36.60 -11.18
C PHE A 892 6.64 -37.33 -12.39
N PHE A 893 6.90 -36.62 -13.45
CA PHE A 893 7.57 -37.22 -14.58
C PHE A 893 9.00 -37.47 -14.18
N THR A 894 9.58 -38.57 -14.66
CA THR A 894 11.00 -38.87 -14.39
C THR A 894 11.75 -38.47 -15.64
N LEU A 895 12.82 -37.69 -15.48
CA LEU A 895 13.76 -37.38 -16.57
C LEU A 895 14.78 -38.51 -16.78
N GLU A 896 15.47 -38.50 -17.91
CA GLU A 896 16.56 -39.42 -18.17
C GLU A 896 17.70 -39.29 -17.18
N ASN A 897 18.06 -38.08 -16.80
CA ASN A 897 19.05 -37.91 -15.76
C ASN A 897 18.52 -38.35 -14.40
N GLY A 898 17.28 -38.76 -14.34
CA GLY A 898 16.71 -39.23 -13.09
C GLY A 898 15.96 -38.21 -12.26
N LYS A 899 16.16 -36.94 -12.55
CA LYS A 899 15.42 -35.87 -11.89
C LYS A 899 13.91 -35.98 -12.10
N LYS A 900 13.12 -35.26 -11.32
CA LYS A 900 11.68 -35.35 -11.46
C LYS A 900 11.05 -33.97 -11.60
N LEU A 901 9.97 -33.95 -12.39
CA LEU A 901 9.21 -32.75 -12.65
C LEU A 901 7.82 -32.91 -12.11
N TYR A 902 7.35 -31.85 -11.46
CA TYR A 902 6.14 -31.87 -10.67
C TYR A 902 4.98 -31.63 -11.64
N LEU A 903 3.87 -32.31 -11.39
CA LEU A 903 2.67 -32.09 -12.15
C LEU A 903 1.50 -32.11 -11.21
N SER A 904 0.74 -31.02 -11.22
CA SER A 904 -0.55 -30.96 -10.53
C SER A 904 -1.57 -30.88 -11.63
N TYR A 905 -2.36 -31.94 -11.77
CA TYR A 905 -3.20 -32.06 -12.96
C TYR A 905 -4.33 -31.04 -12.89
N PRO A 906 -4.92 -30.82 -11.72
CA PRO A 906 -5.97 -29.80 -11.71
C PRO A 906 -5.52 -28.43 -12.26
N CYS A 907 -4.30 -28.07 -11.91
CA CYS A 907 -3.65 -26.86 -12.37
C CYS A 907 -3.26 -26.87 -13.85
N SER A 908 -2.68 -27.96 -14.31
CA SER A 908 -2.23 -28.01 -15.70
C SER A 908 -3.40 -28.11 -16.66
N MET A 909 -4.45 -28.79 -16.25
CA MET A 909 -5.62 -28.87 -17.10
C MET A 909 -6.20 -27.49 -17.32
N LEU A 910 -6.13 -26.61 -16.32
CA LEU A 910 -6.62 -25.26 -16.51
C LEU A 910 -5.62 -24.47 -17.35
N ASN A 911 -4.34 -24.59 -17.04
CA ASN A 911 -3.33 -23.80 -17.74
C ASN A 911 -3.27 -24.14 -19.24
N TYR A 912 -3.46 -25.41 -19.58
CA TYR A 912 -3.49 -25.81 -20.99
C TYR A 912 -4.60 -25.04 -21.68
N ARG A 913 -5.77 -24.99 -21.05
CA ARG A 913 -6.86 -24.23 -21.63
C ARG A 913 -6.61 -22.71 -21.68
N VAL A 914 -5.99 -22.15 -20.64
CA VAL A 914 -5.67 -20.72 -20.66
C VAL A 914 -4.75 -20.46 -21.87
N HIS A 915 -3.84 -21.36 -22.15
CA HIS A 915 -2.95 -21.09 -23.23
C HIS A 915 -3.60 -21.23 -24.64
N GLN A 916 -4.65 -22.04 -24.75
CA GLN A 916 -5.43 -22.17 -26.00
C GLN A 916 -6.24 -20.94 -26.25
N LYS A 917 -6.68 -20.27 -25.18
CA LYS A 917 -7.67 -19.27 -25.34
C LYS A 917 -7.18 -17.86 -25.16
N PHE A 918 -6.08 -17.65 -24.44
CA PHE A 918 -5.69 -16.30 -24.07
C PHE A 918 -4.27 -15.93 -24.47
N THR A 919 -3.73 -16.69 -25.40
CA THR A 919 -2.39 -16.39 -25.93
C THR A 919 -2.49 -15.22 -26.87
N ASN A 920 -1.53 -14.29 -26.77
CA ASN A 920 -1.36 -13.24 -27.76
C ASN A 920 -0.43 -13.67 -28.89
N HIS A 921 -1.02 -13.99 -30.05
CA HIS A 921 -0.25 -14.38 -31.26
C HIS A 921 0.30 -13.23 -32.07
N GLN A 922 0.01 -12.00 -31.68
CA GLN A 922 0.36 -10.80 -32.40
C GLN A 922 1.49 -9.98 -31.72
N TYR A 923 2.19 -10.53 -30.73
CA TYR A 923 3.23 -9.77 -30.00
C TYR A 923 4.42 -9.45 -30.94
N GLN A 924 4.76 -8.21 -31.10
CA GLN A 924 5.95 -7.89 -31.88
C GLN A 924 7.08 -7.30 -31.06
N GLU A 925 8.27 -7.42 -31.61
CA GLU A 925 9.46 -7.03 -30.91
C GLU A 925 10.54 -6.77 -31.90
N LEU A 926 11.27 -5.67 -31.71
CA LEU A 926 12.39 -5.29 -32.59
C LEU A 926 13.42 -6.37 -32.60
N LYS A 927 13.62 -6.99 -33.73
CA LYS A 927 14.68 -7.97 -33.83
C LYS A 927 15.98 -7.30 -34.27
N ASP A 928 15.91 -6.19 -35.02
CA ASP A 928 17.13 -5.49 -35.45
C ASP A 928 16.86 -4.00 -35.45
N PRO A 929 17.35 -3.28 -34.43
CA PRO A 929 16.93 -1.89 -34.30
C PRO A 929 17.51 -0.93 -35.35
N LEU A 930 18.68 -1.26 -35.90
CA LEU A 930 19.28 -0.32 -36.87
C LEU A 930 18.39 -0.26 -38.07
N ASN A 931 17.82 -1.43 -38.38
CA ASN A 931 16.99 -1.52 -39.56
C ASN A 931 15.49 -1.51 -39.28
N TYR A 932 15.11 -1.47 -37.98
CA TYR A 932 13.70 -1.45 -37.65
C TYR A 932 13.02 -2.71 -38.19
N ILE A 933 13.65 -3.86 -38.01
CA ILE A 933 12.97 -5.08 -38.43
C ILE A 933 12.36 -5.69 -37.20
N TYR A 934 11.05 -5.90 -37.31
CA TYR A 934 10.22 -6.55 -36.30
C TYR A 934 10.03 -8.00 -36.54
N GLU A 935 9.94 -8.77 -35.47
CA GLU A 935 9.56 -10.16 -35.49
C GLU A 935 8.24 -10.32 -34.68
N THR A 936 7.40 -11.23 -35.13
CA THR A 936 6.13 -11.49 -34.47
C THR A 936 6.22 -12.81 -33.80
N HIS A 937 5.59 -12.92 -32.64
CA HIS A 937 5.47 -14.20 -31.96
C HIS A 937 4.30 -14.29 -31.00
N SER A 938 4.29 -15.39 -30.27
CA SER A 938 3.18 -15.81 -29.48
C SER A 938 3.64 -15.71 -28.03
N GLU A 939 2.90 -14.97 -27.24
CA GLU A 939 3.17 -14.74 -25.86
C GLU A 939 2.02 -15.13 -24.96
N ASN A 940 2.36 -15.70 -23.82
CA ASN A 940 1.46 -16.04 -22.74
C ASN A 940 2.19 -16.43 -21.46
N THR A 941 2.10 -15.57 -20.47
CA THR A 941 2.71 -15.78 -19.18
C THR A 941 1.68 -15.89 -18.06
N ILE A 942 0.49 -16.33 -18.40
CA ILE A 942 -0.57 -16.49 -17.40
C ILE A 942 -0.72 -17.93 -16.88
N PHE A 943 -0.47 -18.17 -15.59
CA PHE A 943 -0.52 -19.54 -15.05
C PHE A 943 -1.18 -19.58 -13.68
N PHE A 944 -2.12 -20.48 -13.55
CA PHE A 944 -2.65 -20.87 -12.26
C PHE A 944 -1.59 -21.61 -11.49
N GLU A 945 -1.53 -21.35 -10.18
CA GLU A 945 -0.87 -22.29 -9.30
C GLU A 945 -1.77 -22.74 -8.18
N VAL A 946 -1.38 -23.86 -7.60
CA VAL A 946 -2.22 -24.59 -6.70
C VAL A 946 -1.61 -24.59 -5.29
N ASP A 947 -2.46 -24.37 -4.30
CA ASP A 947 -2.09 -24.62 -2.92
C ASP A 947 -3.15 -25.51 -2.30
N GLY A 948 -2.67 -26.35 -1.39
CA GLY A 948 -3.53 -27.32 -0.75
C GLY A 948 -2.97 -28.68 -0.98
N PRO A 949 -3.75 -29.72 -0.68
CA PRO A 949 -5.13 -29.72 -0.19
C PRO A 949 -5.21 -29.46 1.30
N TYR A 950 -6.34 -28.95 1.74
CA TYR A 950 -6.52 -28.50 3.10
C TYR A 950 -7.43 -29.41 3.91
N LYS A 951 -7.39 -29.24 5.23
CA LYS A 951 -8.21 -30.01 6.12
C LYS A 951 -9.63 -29.51 6.17
N ALA A 952 -9.81 -28.20 6.08
CA ALA A 952 -11.15 -27.65 6.10
C ALA A 952 -11.26 -26.20 5.64
N MET A 953 -12.47 -25.83 5.26
CA MET A 953 -12.82 -24.51 4.86
C MET A 953 -14.24 -24.28 5.31
N ILE A 954 -14.50 -23.11 5.87
CA ILE A 954 -15.78 -22.76 6.41
C ILE A 954 -16.18 -21.45 5.85
N LEU A 955 -17.34 -21.41 5.22
CA LEU A 955 -17.84 -20.22 4.58
C LEU A 955 -19.17 -19.86 5.16
N PRO A 956 -19.39 -18.59 5.46
CA PRO A 956 -20.62 -18.11 6.09
C PRO A 956 -21.66 -17.86 5.05
N SER A 957 -22.90 -17.64 5.47
CA SER A 957 -23.98 -17.29 4.55
C SER A 957 -24.63 -16.02 4.98
N SER A 958 -25.26 -15.34 4.03
CA SER A 958 -26.02 -14.13 4.36
C SER A 958 -27.40 -14.39 5.04
N LYS A 959 -27.94 -13.36 5.66
CA LYS A 959 -29.28 -13.38 6.27
C LYS A 959 -30.41 -13.27 5.25
N GLU A 960 -30.05 -12.92 4.01
CA GLU A 960 -30.98 -12.69 2.91
C GLU A 960 -31.13 -13.93 2.03
N GLU A 961 -32.31 -14.12 1.44
CA GLU A 961 -32.57 -15.36 0.70
C GLU A 961 -31.69 -15.48 -0.56
N GLY A 962 -31.15 -16.67 -0.81
CA GLY A 962 -30.37 -16.95 -2.03
C GLY A 962 -29.09 -16.15 -2.22
N LYS A 963 -28.64 -15.43 -1.17
CA LYS A 963 -27.42 -14.63 -1.27
C LYS A 963 -26.28 -15.19 -0.40
N GLY A 964 -25.07 -15.14 -0.93
CA GLY A 964 -23.88 -15.58 -0.21
C GLY A 964 -23.13 -14.40 0.42
N ILE A 965 -21.94 -14.67 0.94
CA ILE A 965 -21.09 -13.62 1.50
C ILE A 965 -19.75 -13.81 0.78
N LYS A 966 -19.28 -12.77 0.14
CA LYS A 966 -17.96 -12.83 -0.48
C LYS A 966 -16.93 -12.33 0.49
N LYS A 967 -15.70 -12.73 0.23
CA LYS A 967 -14.55 -12.23 0.93
C LYS A 967 -14.45 -12.49 2.41
N ARG A 968 -15.05 -13.59 2.85
CA ARG A 968 -14.93 -14.04 4.23
C ARG A 968 -14.91 -15.54 4.27
N TYR A 969 -13.90 -16.08 4.90
CA TYR A 969 -13.86 -17.54 5.05
C TYR A 969 -12.74 -17.85 5.99
N ALA A 970 -12.69 -19.10 6.46
CA ALA A 970 -11.63 -19.65 7.29
C ALA A 970 -11.19 -20.96 6.67
N VAL A 971 -9.88 -21.21 6.66
CA VAL A 971 -9.30 -22.41 6.11
C VAL A 971 -8.26 -22.94 7.09
N PHE A 972 -8.16 -24.27 7.24
CA PHE A 972 -7.26 -24.93 8.23
C PHE A 972 -6.37 -25.91 7.55
N ASN A 973 -5.11 -25.97 7.98
CA ASN A 973 -4.13 -26.89 7.41
C ASN A 973 -4.33 -28.28 7.98
N GLU A 974 -3.68 -29.27 7.36
CA GLU A 974 -3.83 -30.68 7.82
C GLU A 974 -3.45 -30.82 9.28
N ASP A 975 -2.40 -30.12 9.67
CA ASP A 975 -1.92 -30.17 11.06
C ASP A 975 -2.86 -29.53 12.10
N GLY A 976 -3.98 -28.96 11.65
CA GLY A 976 -4.94 -28.37 12.58
C GLY A 976 -4.79 -26.87 12.78
N SER A 977 -3.71 -26.29 12.23
CA SER A 977 -3.46 -24.85 12.37
C SER A 977 -4.25 -24.07 11.32
N LEU A 978 -4.42 -22.80 11.59
CA LEU A 978 -5.22 -21.87 10.81
C LEU A 978 -4.33 -21.41 9.66
N ALA A 979 -4.80 -21.63 8.46
CA ALA A 979 -4.07 -21.34 7.25
C ALA A 979 -4.48 -19.95 6.73
N GLU A 980 -5.77 -19.66 6.76
CA GLU A 980 -6.29 -18.38 6.35
C GLU A 980 -7.57 -18.04 7.10
N LEU A 981 -7.64 -16.79 7.48
CA LEU A 981 -8.82 -16.17 7.97
C LEU A 981 -9.01 -14.87 7.21
N LYS A 982 -10.08 -14.74 6.42
CA LYS A 982 -10.29 -13.54 5.62
C LYS A 982 -11.54 -12.81 5.99
N GLY A 983 -11.37 -11.52 6.11
CA GLY A 983 -12.41 -10.53 6.13
C GLY A 983 -13.15 -10.25 7.39
N PHE A 984 -13.31 -11.29 8.21
CA PHE A 984 -14.14 -11.23 9.44
C PHE A 984 -13.73 -10.14 10.43
N GLU A 985 -14.68 -9.80 11.33
CA GLU A 985 -14.48 -8.75 12.32
C GLU A 985 -13.26 -8.96 13.16
N LEU A 986 -12.94 -10.23 13.41
CA LEU A 986 -11.78 -10.59 14.21
C LEU A 986 -10.50 -9.90 13.69
N LYS A 987 -10.38 -9.80 12.38
CA LYS A 987 -9.19 -9.26 11.74
C LYS A 987 -9.21 -7.74 11.59
N ARG A 988 -10.41 -7.15 11.51
CA ARG A 988 -10.57 -5.75 11.19
C ARG A 988 -10.24 -4.89 12.40
N ARG A 989 -9.66 -3.74 12.16
CA ARG A 989 -9.47 -2.78 13.24
C ARG A 989 -10.78 -2.29 13.75
N GLY A 990 -10.88 -2.11 15.03
CA GLY A 990 -12.13 -1.67 15.59
C GLY A 990 -13.06 -2.82 15.72
N GLU A 991 -14.34 -2.61 15.48
CA GLU A 991 -15.32 -3.66 15.59
C GLU A 991 -15.66 -4.06 17.03
N LEU A 992 -16.86 -4.54 17.23
CA LEU A 992 -17.38 -4.95 18.51
C LEU A 992 -16.58 -6.11 19.04
N GLN A 993 -15.96 -5.91 20.19
CA GLN A 993 -14.99 -6.87 20.71
C GLN A 993 -15.61 -8.24 21.02
N LEU A 994 -16.83 -8.23 21.51
CA LEU A 994 -17.60 -9.47 21.76
C LEU A 994 -17.65 -10.34 20.49
N ILE A 995 -17.82 -9.73 19.34
CA ILE A 995 -17.92 -10.45 18.08
C ILE A 995 -16.57 -11.05 17.71
N LYS A 996 -15.49 -10.32 17.98
CA LYS A 996 -14.13 -10.79 17.73
C LYS A 996 -13.72 -11.97 18.60
N ASN A 997 -14.09 -11.88 19.88
CA ASN A 997 -13.83 -12.96 20.81
C ASN A 997 -14.68 -14.20 20.47
N PHE A 998 -15.93 -14.00 20.10
CA PHE A 998 -16.71 -15.09 19.53
C PHE A 998 -16.04 -15.80 18.35
N GLN A 999 -15.72 -15.05 17.31
CA GLN A 999 -15.15 -15.65 16.11
C GLN A 999 -13.85 -16.33 16.43
N SER A 1000 -13.08 -15.72 17.32
CA SER A 1000 -11.84 -16.28 17.77
C SER A 1000 -12.02 -17.61 18.55
N ASP A 1001 -13.11 -17.77 19.29
CA ASP A 1001 -13.48 -19.11 19.78
C ASP A 1001 -13.98 -20.06 18.67
N ILE A 1002 -14.86 -19.63 17.77
CA ILE A 1002 -15.62 -20.66 17.09
C ILE A 1002 -14.89 -21.37 15.97
N PHE A 1003 -13.99 -20.71 15.23
CA PHE A 1003 -13.60 -21.33 13.96
C PHE A 1003 -12.94 -22.65 14.17
N LYS A 1004 -12.06 -22.77 15.15
CA LYS A 1004 -11.30 -24.04 15.29
C LYS A 1004 -12.20 -25.24 15.71
N VAL A 1005 -13.34 -24.93 16.30
CA VAL A 1005 -14.28 -25.92 16.81
C VAL A 1005 -14.97 -26.62 15.66
N PHE A 1006 -14.82 -26.11 14.43
CA PHE A 1006 -15.33 -26.82 13.23
C PHE A 1006 -14.50 -28.04 12.85
N LEU A 1007 -13.41 -28.25 13.52
CA LEU A 1007 -12.57 -29.40 13.29
C LEU A 1007 -12.97 -30.59 14.22
N GLU A 1008 -13.91 -30.32 15.14
CA GLU A 1008 -14.46 -31.35 16.06
C GLU A 1008 -15.65 -32.11 15.45
N GLY A 1009 -15.88 -33.29 16.03
CA GLY A 1009 -16.94 -34.20 15.62
C GLY A 1009 -16.46 -35.15 14.54
N ASP A 1010 -17.17 -36.27 14.37
CA ASP A 1010 -16.91 -37.24 13.32
C ASP A 1010 -17.94 -37.16 12.20
N THR A 1011 -19.04 -36.40 12.37
CA THR A 1011 -20.07 -36.26 11.32
C THR A 1011 -20.30 -34.79 11.17
N LEU A 1012 -20.98 -34.41 10.10
CA LEU A 1012 -21.35 -33.05 9.90
C LEU A 1012 -22.22 -32.59 11.07
N GLU A 1013 -23.17 -33.41 11.50
CA GLU A 1013 -24.07 -33.01 12.58
C GLU A 1013 -23.27 -32.87 13.88
N GLY A 1014 -22.36 -33.81 14.17
CA GLY A 1014 -21.52 -33.67 15.38
C GLY A 1014 -20.65 -32.39 15.35
N CYS A 1015 -20.28 -31.97 14.16
CA CYS A 1015 -19.45 -30.80 14.00
C CYS A 1015 -20.29 -29.56 14.29
N TYR A 1016 -21.49 -29.50 13.77
CA TYR A 1016 -22.37 -28.40 14.11
C TYR A 1016 -22.77 -28.38 15.60
N SER A 1017 -22.79 -29.55 16.23
CA SER A 1017 -23.10 -29.65 17.68
C SER A 1017 -21.98 -29.09 18.55
N ALA A 1018 -20.76 -29.39 18.17
CA ALA A 1018 -19.65 -28.91 18.95
C ALA A 1018 -19.58 -27.38 18.91
N VAL A 1019 -19.87 -26.81 17.75
CA VAL A 1019 -19.85 -25.36 17.67
C VAL A 1019 -21.11 -24.70 18.30
N ALA A 1020 -22.25 -25.38 18.26
CA ALA A 1020 -23.46 -24.93 18.97
C ALA A 1020 -23.18 -24.67 20.43
N SER A 1021 -22.41 -25.57 21.01
CA SER A 1021 -22.10 -25.48 22.43
C SER A 1021 -21.34 -24.18 22.73
N VAL A 1022 -20.40 -23.79 21.87
CA VAL A 1022 -19.70 -22.52 22.03
C VAL A 1022 -20.65 -21.38 21.82
N CYS A 1023 -21.54 -21.49 20.85
CA CYS A 1023 -22.55 -20.50 20.72
C CYS A 1023 -23.40 -20.32 22.00
N ASN A 1024 -23.72 -21.44 22.65
CA ASN A 1024 -24.61 -21.37 23.81
C ASN A 1024 -23.88 -20.79 25.03
N ARG A 1025 -22.58 -21.03 25.14
CA ARG A 1025 -21.75 -20.34 26.13
C ARG A 1025 -21.82 -18.82 25.98
N TRP A 1026 -21.68 -18.33 24.74
CA TRP A 1026 -21.69 -16.90 24.51
C TRP A 1026 -23.11 -16.33 24.66
N LEU A 1027 -24.13 -17.08 24.24
CA LEU A 1027 -25.48 -16.60 24.45
C LEU A 1027 -25.85 -16.45 25.98
N ASP A 1028 -25.31 -17.33 26.79
CA ASP A 1028 -25.52 -17.30 28.25
C ASP A 1028 -24.95 -16.02 28.87
N VAL A 1029 -23.77 -15.60 28.40
CA VAL A 1029 -23.20 -14.32 28.87
C VAL A 1029 -24.14 -13.16 28.62
N LEU A 1030 -24.77 -13.11 27.45
CA LEU A 1030 -25.69 -11.99 27.20
C LEU A 1030 -27.06 -12.13 27.85
N ASP A 1031 -27.62 -13.35 27.86
CA ASP A 1031 -28.90 -13.59 28.58
C ASP A 1031 -28.73 -13.32 30.07
N SER A 1032 -27.56 -13.62 30.60
CA SER A 1032 -27.30 -13.34 31.98
C SER A 1032 -26.89 -11.91 32.26
N HIS A 1033 -27.03 -11.02 31.25
CA HIS A 1033 -26.70 -9.61 31.36
C HIS A 1033 -25.28 -9.38 31.89
N GLY A 1034 -24.39 -10.32 31.61
CA GLY A 1034 -22.99 -10.17 31.98
C GLY A 1034 -22.64 -10.48 33.42
N LEU A 1035 -23.61 -10.90 34.21
CA LEU A 1035 -23.39 -11.07 35.63
C LEU A 1035 -22.27 -12.02 35.95
N MET A 1036 -22.11 -13.03 35.13
CA MET A 1036 -21.08 -14.02 35.33
C MET A 1036 -19.70 -13.53 34.85
N LEU A 1037 -19.37 -12.27 35.13
CA LEU A 1037 -18.29 -11.55 34.48
C LEU A 1037 -17.77 -10.39 35.29
N GLU A 1038 -16.46 -10.26 35.37
CA GLU A 1038 -15.80 -9.22 36.11
C GLU A 1038 -16.08 -7.90 35.49
N ASP A 1039 -16.11 -6.85 36.26
CA ASP A 1039 -16.57 -5.59 35.71
C ASP A 1039 -15.60 -4.98 34.66
N GLU A 1040 -14.28 -5.20 34.83
CA GLU A 1040 -13.29 -4.74 33.86
C GLU A 1040 -13.46 -5.55 32.60
N ASP A 1041 -13.53 -6.87 32.74
CA ASP A 1041 -13.79 -7.75 31.62
C ASP A 1041 -15.12 -7.44 30.85
N LEU A 1042 -16.09 -6.86 31.53
CA LEU A 1042 -17.35 -6.58 30.90
C LEU A 1042 -17.14 -5.42 29.98
N VAL A 1043 -16.57 -4.33 30.49
CA VAL A 1043 -16.41 -3.12 29.69
C VAL A 1043 -15.63 -3.39 28.42
N SER A 1044 -14.52 -4.12 28.57
CA SER A 1044 -13.68 -4.65 27.54
C SER A 1044 -14.43 -5.42 26.45
N LEU A 1045 -15.26 -6.40 26.85
CA LEU A 1045 -16.06 -7.21 25.92
C LEU A 1045 -17.12 -6.46 25.15
N ILE A 1046 -17.78 -5.49 25.80
CA ILE A 1046 -18.96 -4.81 25.19
C ILE A 1046 -18.56 -3.60 24.34
N CYS A 1047 -17.31 -3.21 24.47
CA CYS A 1047 -16.75 -2.07 23.79
C CYS A 1047 -16.68 -2.23 22.31
N GLU A 1048 -17.04 -1.19 21.60
CA GLU A 1048 -16.77 -1.08 20.21
C GLU A 1048 -15.87 0.13 19.97
N ASN A 1049 -14.83 -0.10 19.17
CA ASN A 1049 -13.79 0.87 18.90
C ASN A 1049 -13.82 1.13 17.40
N ARG A 1050 -13.87 2.40 17.02
CA ARG A 1050 -13.89 2.80 15.62
C ARG A 1050 -12.97 4.01 15.39
N SER A 1051 -12.06 3.96 14.42
CA SER A 1051 -11.23 5.10 14.08
C SER A 1051 -12.01 6.07 13.28
N MET A 1052 -11.88 7.36 13.61
CA MET A 1052 -12.35 8.47 12.74
C MET A 1052 -11.16 8.85 11.89
N SER A 1053 -11.26 8.77 10.57
CA SER A 1053 -10.10 9.05 9.74
C SER A 1053 -9.77 10.56 9.69
N LYS A 1054 -10.75 11.43 9.90
CA LYS A 1054 -10.49 12.87 9.99
C LYS A 1054 -10.72 13.43 11.41
N THR A 1055 -10.84 14.75 11.54
CA THR A 1055 -11.15 15.36 12.84
C THR A 1055 -12.65 15.54 12.90
N LEU A 1056 -13.15 15.68 14.11
CA LEU A 1056 -14.58 15.78 14.29
C LEU A 1056 -15.21 16.94 13.52
N LYS A 1057 -14.52 18.06 13.34
CA LYS A 1057 -15.08 19.22 12.60
C LYS A 1057 -15.52 18.93 11.16
N GLU A 1058 -14.80 18.03 10.52
CA GLU A 1058 -14.96 17.70 9.09
C GLU A 1058 -16.09 16.68 8.85
N TYR A 1059 -16.91 16.42 9.85
CA TYR A 1059 -17.95 15.43 9.68
C TYR A 1059 -19.31 16.07 9.81
N GLU A 1060 -19.39 17.37 9.58
CA GLU A 1060 -20.54 18.17 10.00
C GLU A 1060 -21.76 17.84 9.12
N GLY A 1061 -22.91 17.63 9.74
CA GLY A 1061 -24.08 17.08 9.04
C GLY A 1061 -24.04 15.59 8.69
N GLN A 1062 -23.10 14.87 9.27
CA GLN A 1062 -23.15 13.43 9.24
C GLN A 1062 -23.42 12.89 10.62
N LYS A 1063 -23.97 11.69 10.71
CA LYS A 1063 -24.14 11.03 12.00
C LYS A 1063 -23.57 9.60 12.01
N SER A 1064 -23.10 9.14 13.16
CA SER A 1064 -22.57 7.80 13.30
C SER A 1064 -22.15 7.65 14.75
N THR A 1065 -21.87 6.42 15.16
CA THR A 1065 -21.50 6.16 16.53
C THR A 1065 -20.18 6.82 16.91
N SER A 1066 -19.27 6.91 15.95
CA SER A 1066 -17.97 7.55 16.16
C SER A 1066 -18.13 9.04 16.38
N ILE A 1067 -18.92 9.66 15.52
CA ILE A 1067 -19.13 11.09 15.62
C ILE A 1067 -19.68 11.41 17.02
N THR A 1068 -20.74 10.73 17.41
CA THR A 1068 -21.37 11.01 18.72
C THR A 1068 -20.38 10.72 19.86
N THR A 1069 -19.69 9.59 19.79
CA THR A 1069 -18.68 9.31 20.80
C THR A 1069 -17.64 10.43 20.89
N ALA A 1070 -17.16 10.92 19.73
CA ALA A 1070 -16.13 11.97 19.73
C ALA A 1070 -16.66 13.24 20.36
N ARG A 1071 -17.82 13.69 19.91
CA ARG A 1071 -18.46 14.87 20.51
C ARG A 1071 -18.59 14.80 22.04
N ARG A 1072 -19.05 13.66 22.54
CA ARG A 1072 -19.23 13.51 23.96
C ARG A 1072 -17.91 13.45 24.72
N LEU A 1073 -16.89 12.86 24.10
CA LEU A 1073 -15.53 12.89 24.67
C LEU A 1073 -15.03 14.30 24.79
N GLY A 1074 -15.24 15.07 23.74
CA GLY A 1074 -14.97 16.50 23.75
C GLY A 1074 -15.61 17.21 24.93
N ASP A 1075 -16.94 17.06 25.08
CA ASP A 1075 -17.69 17.80 26.10
C ASP A 1075 -17.19 17.41 27.47
N PHE A 1076 -16.91 16.13 27.66
CA PHE A 1076 -16.59 15.60 28.97
C PHE A 1076 -15.10 15.77 29.35
N LEU A 1077 -14.18 15.51 28.41
CA LEU A 1077 -12.79 15.48 28.74
C LEU A 1077 -12.03 16.63 28.14
N GLY A 1078 -12.73 17.50 27.39
CA GLY A 1078 -12.13 18.71 26.81
C GLY A 1078 -11.88 18.62 25.31
N GLU A 1079 -11.95 19.76 24.62
CA GLU A 1079 -11.64 19.88 23.17
C GLU A 1079 -10.26 19.34 22.67
N ASP A 1080 -9.27 19.19 23.55
CA ASP A 1080 -7.98 18.60 23.15
C ASP A 1080 -8.17 17.15 22.66
N MET A 1081 -9.14 16.46 23.24
CA MET A 1081 -9.44 15.10 22.84
C MET A 1081 -9.70 14.98 21.32
N VAL A 1082 -10.29 15.98 20.70
CA VAL A 1082 -10.67 15.83 19.30
C VAL A 1082 -9.93 16.73 18.30
N LYS A 1083 -8.78 17.27 18.66
CA LYS A 1083 -8.12 18.15 17.67
C LYS A 1083 -7.34 17.37 16.58
N ASP A 1084 -6.97 16.11 16.87
CA ASP A 1084 -6.20 15.29 15.91
C ASP A 1084 -7.08 14.28 15.19
N LYS A 1085 -6.59 13.82 14.05
CA LYS A 1085 -7.29 12.85 13.22
C LYS A 1085 -6.93 11.47 13.81
N GLY A 1086 -7.59 10.41 13.37
CA GLY A 1086 -7.30 9.05 13.85
C GLY A 1086 -7.78 8.75 15.28
N LEU A 1087 -8.72 9.54 15.81
CA LEU A 1087 -9.22 9.28 17.19
C LEU A 1087 -9.89 7.88 17.35
N GLN A 1088 -9.45 7.06 18.31
CA GLN A 1088 -10.10 5.79 18.64
C GLN A 1088 -11.34 6.01 19.54
N CYS A 1089 -12.52 5.90 18.97
CA CYS A 1089 -13.77 6.19 19.69
C CYS A 1089 -14.25 4.89 20.30
N LYS A 1090 -14.04 4.73 21.60
CA LYS A 1090 -14.44 3.52 22.28
C LYS A 1090 -15.77 3.81 23.00
N TYR A 1091 -16.79 3.03 22.66
CA TYR A 1091 -18.11 3.29 23.15
C TYR A 1091 -18.95 2.07 23.40
N ILE A 1092 -20.06 2.30 24.09
CA ILE A 1092 -21.05 1.30 24.45
C ILE A 1092 -22.37 1.92 24.00
N ILE A 1093 -23.34 1.08 23.62
CA ILE A 1093 -24.74 1.52 23.31
C ILE A 1093 -25.67 1.41 24.53
N SER A 1094 -26.28 2.53 24.91
CA SER A 1094 -27.17 2.58 26.09
C SER A 1094 -28.63 2.29 25.72
N SER A 1095 -29.38 1.71 26.64
CA SER A 1095 -30.80 1.49 26.45
C SER A 1095 -31.51 2.80 26.26
N LYS A 1096 -31.11 3.81 27.04
CA LYS A 1096 -31.83 5.08 27.01
C LYS A 1096 -31.07 6.13 26.25
N PRO A 1097 -31.78 7.07 25.64
CA PRO A 1097 -33.24 7.28 25.57
C PRO A 1097 -33.96 6.23 24.74
N PHE A 1098 -35.11 5.78 25.24
CA PHE A 1098 -35.97 4.91 24.46
C PHE A 1098 -36.40 5.72 23.25
N ASN A 1099 -36.48 5.04 22.13
CA ASN A 1099 -36.92 5.62 20.88
C ASN A 1099 -35.92 6.51 20.19
N ALA A 1100 -34.67 6.52 20.64
CA ALA A 1100 -33.68 7.28 19.88
C ALA A 1100 -32.90 6.33 18.96
N PRO A 1101 -32.43 6.84 17.81
CA PRO A 1101 -31.66 5.98 16.92
C PRO A 1101 -30.33 5.61 17.57
N VAL A 1102 -29.73 4.54 17.09
CA VAL A 1102 -28.52 4.05 17.72
C VAL A 1102 -27.41 5.12 17.86
N THR A 1103 -27.24 5.98 16.89
CA THR A 1103 -26.11 6.89 16.94
C THR A 1103 -26.27 7.93 18.05
N GLU A 1104 -27.47 8.11 18.55
CA GLU A 1104 -27.68 9.03 19.68
C GLU A 1104 -27.38 8.37 21.01
N ARG A 1105 -27.11 7.06 21.00
CA ARG A 1105 -26.89 6.32 22.23
C ARG A 1105 -25.50 5.74 22.43
N ALA A 1106 -24.52 6.26 21.72
CA ALA A 1106 -23.12 5.89 22.01
C ALA A 1106 -22.52 6.70 23.16
N ILE A 1107 -22.15 5.97 24.20
CA ILE A 1107 -21.52 6.48 25.35
C ILE A 1107 -20.04 6.08 25.38
N PRO A 1108 -19.14 7.07 25.53
CA PRO A 1108 -17.71 6.74 25.62
C PRO A 1108 -17.42 5.96 26.86
N VAL A 1109 -16.79 4.80 26.73
CA VAL A 1109 -16.57 3.98 27.88
C VAL A 1109 -15.68 4.69 28.90
N ALA A 1110 -14.88 5.64 28.45
CA ALA A 1110 -14.05 6.42 29.37
C ALA A 1110 -14.87 7.05 30.53
N ILE A 1111 -16.13 7.40 30.27
CA ILE A 1111 -16.95 8.00 31.32
C ILE A 1111 -17.00 7.10 32.57
N PHE A 1112 -16.94 5.79 32.39
CA PHE A 1112 -17.00 4.89 33.52
C PHE A 1112 -15.74 4.86 34.38
N SER A 1113 -14.75 5.70 34.08
CA SER A 1113 -13.58 5.87 34.93
C SER A 1113 -13.50 7.28 35.51
N ALA A 1114 -14.47 8.13 35.22
CA ALA A 1114 -14.52 9.48 35.77
C ALA A 1114 -14.90 9.45 37.27
N ASP A 1115 -14.59 10.56 37.94
CA ASP A 1115 -15.04 10.72 39.33
C ASP A 1115 -16.57 10.58 39.33
N ILE A 1116 -17.14 10.13 40.44
CA ILE A 1116 -18.61 9.88 40.51
C ILE A 1116 -19.52 11.07 40.17
N PRO A 1117 -19.24 12.28 40.68
CA PRO A 1117 -20.09 13.44 40.30
C PRO A 1117 -20.08 13.78 38.81
N ILE A 1118 -18.96 13.54 38.13
CA ILE A 1118 -18.82 13.81 36.68
C ILE A 1118 -19.63 12.79 35.87
N LYS A 1119 -19.34 11.53 36.17
CA LYS A 1119 -20.04 10.41 35.59
C LYS A 1119 -21.54 10.65 35.64
N ARG A 1120 -22.04 10.90 36.84
CA ARG A 1120 -23.44 11.18 37.08
C ARG A 1120 -23.97 12.29 36.19
N SER A 1121 -23.35 13.46 36.20
CA SER A 1121 -23.86 14.56 35.37
C SER A 1121 -23.95 14.15 33.91
N PHE A 1122 -22.97 13.39 33.42
CA PHE A 1122 -22.97 13.05 31.97
C PHE A 1122 -23.91 11.93 31.58
N LEU A 1123 -23.94 10.84 32.34
CA LEU A 1123 -24.83 9.75 31.98
C LEU A 1123 -26.29 10.25 31.99
N ARG A 1124 -26.61 11.15 32.93
CA ARG A 1124 -27.90 11.85 32.99
C ARG A 1124 -28.20 12.62 31.75
N ARG A 1125 -27.24 13.41 31.29
CA ARG A 1125 -27.42 14.14 30.05
C ARG A 1125 -27.69 13.18 28.88
N TRP A 1126 -26.86 12.14 28.82
CA TRP A 1126 -26.74 11.32 27.62
C TRP A 1126 -27.92 10.35 27.54
N THR A 1127 -28.46 9.97 28.67
CA THR A 1127 -29.67 9.14 28.70
C THR A 1127 -30.96 9.96 28.84
N LEU A 1128 -30.87 11.28 29.05
CA LEU A 1128 -32.06 12.13 29.28
C LEU A 1128 -32.90 11.59 30.43
N ASP A 1129 -32.27 11.49 31.60
CA ASP A 1129 -32.88 10.98 32.78
C ASP A 1129 -32.27 11.80 33.92
N PRO A 1130 -32.95 12.89 34.30
CA PRO A 1130 -32.44 13.81 35.36
C PRO A 1130 -32.16 13.13 36.71
N SER A 1131 -32.95 12.12 37.02
CA SER A 1131 -33.07 11.56 38.35
C SER A 1131 -32.37 10.20 38.46
N LEU A 1132 -31.59 9.85 37.44
CA LEU A 1132 -30.85 8.58 37.47
C LEU A 1132 -29.88 8.52 38.68
N GLU A 1133 -29.98 7.41 39.42
CA GLU A 1133 -29.06 7.17 40.52
C GLU A 1133 -28.12 5.99 40.20
N ASP A 1134 -28.62 4.96 39.50
CA ASP A 1134 -27.82 3.75 39.23
C ASP A 1134 -26.87 3.98 38.08
N LEU A 1135 -25.58 3.89 38.40
CA LEU A 1135 -24.48 4.21 37.47
C LEU A 1135 -23.66 2.96 37.04
N ASP A 1136 -24.15 1.80 37.36
CA ASP A 1136 -23.54 0.58 36.93
C ASP A 1136 -23.76 0.40 35.47
N ILE A 1137 -22.67 0.27 34.75
CA ILE A 1137 -22.67 -0.10 33.37
C ILE A 1137 -23.75 -1.11 33.05
N ARG A 1138 -24.01 -2.05 33.91
CA ARG A 1138 -24.95 -3.09 33.63
C ARG A 1138 -26.38 -2.64 33.47
N THR A 1139 -26.71 -1.49 34.02
CA THR A 1139 -28.06 -0.97 33.86
C THR A 1139 -28.10 0.03 32.76
N ILE A 1140 -26.95 0.52 32.36
CA ILE A 1140 -26.89 1.41 31.24
C ILE A 1140 -27.00 0.67 29.90
N ILE A 1141 -26.41 -0.51 29.81
CA ILE A 1141 -26.26 -1.25 28.55
C ILE A 1141 -27.56 -1.70 27.92
N ASP A 1142 -27.61 -1.64 26.60
CA ASP A 1142 -28.72 -2.14 25.84
C ASP A 1142 -28.48 -3.57 25.48
N TRP A 1143 -28.92 -4.51 26.33
CA TRP A 1143 -28.63 -5.93 26.10
C TRP A 1143 -29.31 -6.48 24.86
N GLY A 1144 -30.46 -5.95 24.48
CA GLY A 1144 -31.16 -6.41 23.27
C GLY A 1144 -30.36 -6.06 22.02
N TYR A 1145 -29.72 -4.90 22.01
CA TYR A 1145 -28.85 -4.52 20.92
C TYR A 1145 -27.70 -5.53 20.76
N TYR A 1146 -27.04 -5.95 21.86
CA TYR A 1146 -25.87 -6.84 21.80
C TYR A 1146 -26.23 -8.27 21.46
N ARG A 1147 -27.43 -8.69 21.87
CA ARG A 1147 -27.97 -10.03 21.57
C ARG A 1147 -28.34 -10.15 20.09
N GLU A 1148 -28.86 -9.09 19.51
CA GLU A 1148 -29.11 -9.02 18.09
C GLU A 1148 -27.80 -8.98 17.24
N ARG A 1149 -26.79 -8.23 17.65
CA ARG A 1149 -25.46 -8.28 16.96
C ARG A 1149 -24.85 -9.69 17.02
N LEU A 1150 -24.83 -10.33 18.20
CA LEU A 1150 -24.34 -11.69 18.33
C LEU A 1150 -25.18 -12.75 17.60
N GLY A 1151 -26.50 -12.55 17.64
CA GLY A 1151 -27.41 -13.42 16.92
C GLY A 1151 -27.09 -13.44 15.45
N SER A 1152 -26.90 -12.26 14.87
CA SER A 1152 -26.51 -12.12 13.51
C SER A 1152 -25.28 -12.96 13.18
N ALA A 1153 -24.24 -12.85 14.00
CA ALA A 1153 -23.02 -13.60 13.73
C ALA A 1153 -23.24 -15.13 13.76
N ILE A 1154 -24.13 -15.55 14.66
CA ILE A 1154 -24.38 -16.93 14.85
C ILE A 1154 -25.14 -17.43 13.64
N GLN A 1155 -26.06 -16.63 13.09
CA GLN A 1155 -26.78 -16.97 11.86
C GLN A 1155 -25.91 -17.16 10.62
N LYS A 1156 -25.06 -16.17 10.36
CA LYS A 1156 -24.18 -16.19 9.19
C LYS A 1156 -23.14 -17.28 9.21
N ILE A 1157 -22.58 -17.57 10.37
CA ILE A 1157 -21.44 -18.52 10.46
C ILE A 1157 -21.89 -19.91 10.82
N ILE A 1158 -22.94 -20.04 11.61
CA ILE A 1158 -23.38 -21.36 12.10
C ILE A 1158 -24.78 -21.80 11.62
N THR A 1159 -25.84 -21.05 11.87
CA THR A 1159 -27.16 -21.69 11.68
C THR A 1159 -27.62 -21.72 10.26
N ILE A 1160 -27.46 -20.64 9.52
CA ILE A 1160 -27.97 -20.62 8.18
C ILE A 1160 -27.14 -21.56 7.28
N PRO A 1161 -25.81 -21.56 7.42
CA PRO A 1161 -25.08 -22.55 6.66
C PRO A 1161 -25.42 -23.98 7.02
N ALA A 1162 -25.64 -24.28 8.31
CA ALA A 1162 -26.15 -25.56 8.75
C ALA A 1162 -27.39 -25.96 7.99
N ALA A 1163 -28.31 -25.02 7.88
CA ALA A 1163 -29.56 -25.23 7.15
C ALA A 1163 -29.32 -25.55 5.67
N LEU A 1164 -28.40 -24.83 5.04
CA LEU A 1164 -28.12 -25.09 3.65
C LEU A 1164 -27.39 -26.41 3.45
N GLN A 1165 -26.77 -26.95 4.48
CA GLN A 1165 -26.24 -28.29 4.35
C GLN A 1165 -27.23 -29.30 4.92
N GLY A 1166 -28.48 -28.88 5.12
CA GLY A 1166 -29.55 -29.79 5.50
C GLY A 1166 -29.42 -30.28 6.93
N VAL A 1167 -28.86 -29.46 7.78
CA VAL A 1167 -28.74 -29.77 9.19
C VAL A 1167 -29.72 -28.87 9.91
N SER A 1168 -30.47 -29.43 10.83
CA SER A 1168 -31.52 -28.66 11.46
C SER A 1168 -30.98 -27.83 12.59
N ASN A 1169 -31.49 -26.62 12.69
CA ASN A 1169 -30.98 -25.57 13.58
C ASN A 1169 -30.27 -26.03 14.82
N PRO A 1170 -28.87 -25.99 14.70
CA PRO A 1170 -28.17 -26.46 15.90
C PRO A 1170 -28.15 -25.50 17.09
N VAL A 1171 -28.61 -24.30 16.89
CA VAL A 1171 -28.65 -23.32 17.93
C VAL A 1171 -30.08 -22.80 18.03
N PRO A 1172 -30.98 -23.56 18.64
CA PRO A 1172 -32.36 -23.07 18.64
C PRO A 1172 -32.64 -21.70 19.28
N ARG A 1173 -31.87 -21.27 20.26
CA ARG A 1173 -32.10 -19.95 20.86
C ARG A 1173 -31.89 -18.84 19.81
N VAL A 1174 -31.33 -19.15 18.63
CA VAL A 1174 -31.34 -18.18 17.54
C VAL A 1174 -32.19 -18.64 16.36
N GLU A 1175 -33.32 -17.96 16.19
CA GLU A 1175 -34.33 -18.39 15.25
C GLU A 1175 -33.97 -17.98 13.83
N HIS A 1176 -34.30 -18.84 12.91
CA HIS A 1176 -34.08 -18.61 11.52
C HIS A 1176 -34.91 -17.45 11.10
N PRO A 1177 -34.44 -16.69 10.08
CA PRO A 1177 -35.38 -15.74 9.50
C PRO A 1177 -36.52 -16.45 8.76
N ASP A 1178 -37.60 -15.72 8.52
CA ASP A 1178 -38.87 -16.31 8.06
C ASP A 1178 -38.70 -16.97 6.74
N TRP A 1179 -38.00 -16.31 5.81
CA TRP A 1179 -37.86 -16.88 4.49
C TRP A 1179 -37.34 -18.28 4.62
N LEU A 1180 -36.44 -18.50 5.57
CA LEU A 1180 -35.79 -19.80 5.69
C LEU A 1180 -36.69 -20.81 6.41
N LYS A 1181 -37.47 -20.32 7.34
CA LYS A 1181 -38.44 -21.16 7.96
C LYS A 1181 -39.39 -21.64 6.87
N ARG A 1182 -39.92 -20.68 6.13
CA ARG A 1182 -40.76 -20.99 5.02
C ARG A 1182 -40.11 -21.96 4.06
N LYS A 1183 -38.89 -21.68 3.65
CA LYS A 1183 -38.16 -22.60 2.78
C LYS A 1183 -38.45 -24.07 3.14
N ILE A 1184 -38.35 -24.38 4.42
CA ILE A 1184 -38.44 -25.77 4.91
C ILE A 1184 -39.85 -26.24 5.25
N ALA A 1185 -40.62 -26.45 4.20
CA ALA A 1185 -41.95 -27.04 4.23
C ALA A 1185 -42.08 -27.89 2.97
N THR A 1186 -42.74 -29.04 3.09
CA THR A 1186 -42.96 -29.94 1.95
C THR A 1186 -44.22 -30.75 2.15
#